data_6TIW
#
_entry.id   6TIW
#
loop_
_entity.id
_entity.type
_entity.pdbx_description
1 polymer 'Kinesin-like protein KIF11'
2 polymer 'Tubulin beta chain'
3 polymer 'Tubulin alpha-1B chain'
4 non-polymer 6-[4-(trifluoromethyl)phenyl]-3,4-dihydro-1~{H}-quinolin-2-one
5 non-polymer 'PHOSPHOMETHYLPHOSPHONIC ACID GUANYLATE ESTER'
6 non-polymer 'MAGNESIUM ION'
#
loop_
_entity_poly.entity_id
_entity_poly.type
_entity_poly.pdbx_seq_one_letter_code
_entity_poly.pdbx_strand_id
1 'polypeptide(L)'
;MHHHHHHSSGVDLGTENLYFQSMASQPNSSAKKKEEKGKNIQVVVRCRPFNLAERKASAHSIVECDPVRKEVSVRTGGLA
DKSSRKTYTFDMVFGASTKQIDVYRSVVCPILDEVIMGYNCTIFAYGQTGTGKTFTMEGERSPNEEYTWEEDPLAGIIPR
TLHQIFEKLTDNGTEFSVKVSLLEIYNEELFDLLNPSSDVSERLQMFDDPRNKRGVIIKGLEEITVHNKDEVYQILEKGA
AKRTTAATLMNAYSSRSHSVFSVTIHMKETTIDGEELVKIGKLNLVDLAGSENIGRSGAVDKRAREAGNINQSLLTLGRV
ITALVERTPHVPYRESKLTRILQDSLGGRTRTSIIATISPASLNLEETLSTLEYAHRAKNILNKPEVNQKL
;
K
2 'polypeptide(L)'
;MREIVHIQAGQCGNQIGAKFWEVISDEHGIDPTGSYHGDSDLQLERINVYYNEAAGNKYVPRAILVDLEPGTMDSVRSGP
FGQIFRPDNFVFGQSGAGNNWAKGHYTEGAELVDSVLDVVRKESESCDCLQGFQLTHSLGGGTGSGMGTLLISKIREEYP
DRIMNTFSVVPSPKVSDTVVEPYNATLSVHQLVENTDETYCIDNEALYDICFRTLKLTTPTYGDLNHLVSATMSGVTTCL
RFPGQLNADLRKLAVNMVPFPRLHFFMPGFAPLTSRGSQQYRALTVPELTQQMFDAKNMMAACDPRHGRYLTVAAVFRGR
MSMKEVDEQMLNVQNKNSSYFVEWIPNNVKTAVCDIPPRGLKMSATFIGNSTAIQELFKRISEQFTAMFRRKAFLHWYTG
EGMDEMEFTEAESNMNDLVSEYQQYQDAT
;
B
3 'polypeptide(L)'
;MRECISIHVGQAGVQIGNACWELYCLEHGIQPDGQMPSDKTIGGGDDSFNTFFSETGAGKHVPRAVFVDLEPTVIDEVRT
GTYRQLFHPEQLITGKEDAANNYARGHYTIGKEIIDLVLDRIRKLADQCTGLQGFLVFHSFGGGTGSGFTSLLMERLSVD
YGKKSKLEFSIYPAPQVSTAVVEPYNSILTTHTTLEHSDCAFMVDNEAIYDICRRNLDIERPTYTNLNRLISQIVSSITA
SLRFDGALNVDLTEFQTNLVPYPRIHFPLATYAPVISAEKAYHEQLSVAEITNACFEPANQMVKCDPRHGKYMACCLLYR
GDVVPKDVNAAIATIKTKRSIQFVDWCPTGFKVGINYQPPTVVPGGDLAKVQRAVCMLSNTTAIAEAWARLDHKFDLMYA
KRAFVHWYVGEGMEEGEFSEAREDMAALEKDYEEVGVD
;
A
#
loop_
_chem_comp.id
_chem_comp.type
_chem_comp.name
_chem_comp.formula
G2P non-polymer 'PHOSPHOMETHYLPHOSPHONIC ACID GUANYLATE ESTER' 'C11 H18 N5 O13 P3'
MG non-polymer 'MAGNESIUM ION' 'Mg 2'
MZK non-polymer 6-[4-(trifluoromethyl)phenyl]-3,4-dihydro-1~{H}-quinolin-2-one 'C16 H12 F3 N O'
#
# COMPACT_ATOMS: atom_id res chain seq x y z
N LYS A 37 18.49 21.22 27.15
CA LYS A 37 18.74 21.06 28.60
C LYS A 37 17.77 20.08 29.16
N GLY A 38 17.43 20.23 30.45
CA GLY A 38 16.44 19.43 31.09
C GLY A 38 17.09 18.12 31.40
N LYS A 39 16.47 17.33 32.29
CA LYS A 39 16.98 16.02 32.51
C LYS A 39 16.59 15.20 31.34
N ASN A 40 17.39 14.17 31.03
CA ASN A 40 17.06 13.40 29.88
C ASN A 40 15.77 12.77 30.18
N ILE A 41 14.99 12.49 29.12
CA ILE A 41 13.69 11.90 29.31
C ILE A 41 13.95 10.59 29.94
N GLN A 42 13.16 10.32 30.98
CA GLN A 42 13.42 9.16 31.81
C GLN A 42 12.63 8.00 31.27
N VAL A 43 13.29 6.88 30.99
CA VAL A 43 12.61 5.68 30.48
C VAL A 43 12.86 4.48 31.37
N VAL A 44 11.78 3.87 31.84
CA VAL A 44 11.87 2.67 32.64
C VAL A 44 11.13 1.55 31.92
N VAL A 45 11.62 0.35 32.06
CA VAL A 45 10.96 -0.81 31.49
C VAL A 45 10.47 -1.72 32.59
N ARG A 46 9.24 -2.19 32.43
CA ARG A 46 8.64 -3.12 33.35
C ARG A 46 8.21 -4.38 32.62
N CYS A 47 8.68 -5.53 33.10
CA CYS A 47 8.25 -6.81 32.53
C CYS A 47 7.19 -7.39 33.46
N ARG A 48 6.05 -7.75 32.86
CA ARG A 48 4.94 -8.26 33.61
C ARG A 48 5.25 -9.67 33.95
N PRO A 49 4.72 -10.05 35.09
CA PRO A 49 4.59 -11.41 35.47
C PRO A 49 3.79 -12.02 34.40
N PHE A 50 4.03 -13.32 34.14
CA PHE A 50 3.42 -13.91 33.01
C PHE A 50 1.96 -13.78 33.26
N ASN A 51 1.24 -13.26 32.24
CA ASN A 51 -0.16 -12.97 32.39
C ASN A 51 -0.83 -14.29 32.50
N LEU A 52 -1.99 -14.32 33.18
CA LEU A 52 -2.68 -15.57 33.25
C LEU A 52 -3.02 -15.92 31.84
N ALA A 53 -3.42 -14.89 31.06
CA ALA A 53 -3.73 -15.10 29.69
C ALA A 53 -2.49 -15.64 29.08
N GLU A 54 -1.34 -15.11 29.53
CA GLU A 54 -0.11 -15.59 28.99
C GLU A 54 -0.05 -17.04 29.29
N ARG A 55 -0.49 -17.44 30.49
CA ARG A 55 -0.43 -18.79 30.95
C ARG A 55 -1.33 -19.63 30.10
N LYS A 56 -2.51 -19.11 29.79
CA LYS A 56 -3.39 -19.84 28.92
C LYS A 56 -2.65 -19.97 27.63
N ALA A 57 -1.93 -18.90 27.27
CA ALA A 57 -1.17 -18.86 26.08
C ALA A 57 -0.15 -19.95 26.19
N SER A 58 0.30 -20.23 27.42
CA SER A 58 1.47 -21.02 27.60
C SER A 58 2.60 -20.25 27.00
N ALA A 59 2.51 -18.91 27.09
CA ALA A 59 3.59 -18.08 26.68
C ALA A 59 4.72 -18.39 27.59
N HIS A 60 5.96 -18.30 27.08
CA HIS A 60 7.13 -18.65 27.83
C HIS A 60 7.90 -17.40 28.02
N SER A 61 8.54 -17.25 29.19
CA SER A 61 9.16 -15.98 29.42
C SER A 61 10.51 -16.08 28.83
N ILE A 62 10.66 -15.53 27.61
CA ILE A 62 11.95 -15.28 27.07
C ILE A 62 12.53 -14.24 27.95
N VAL A 63 11.71 -13.26 28.35
CA VAL A 63 12.22 -12.05 28.97
C VAL A 63 12.86 -12.34 30.31
N GLU A 64 14.04 -11.79 30.52
CA GLU A 64 14.73 -11.88 31.79
C GLU A 64 15.00 -10.46 32.29
N CYS A 65 14.60 -10.18 33.53
CA CYS A 65 14.79 -8.87 34.12
C CYS A 65 15.77 -8.97 35.27
N ASP A 66 16.84 -8.24 35.20
CA ASP A 66 17.88 -8.28 36.22
C ASP A 66 17.93 -6.92 36.91
N PRO A 67 17.10 -6.70 37.86
CA PRO A 67 16.83 -5.38 38.30
C PRO A 67 18.07 -4.77 38.85
N VAL A 68 18.99 -5.61 39.36
CA VAL A 68 20.23 -5.12 39.87
C VAL A 68 20.96 -4.54 38.71
N ARG A 69 20.97 -5.31 37.61
CA ARG A 69 21.58 -4.90 36.40
C ARG A 69 20.87 -3.67 35.93
N LYS A 70 19.56 -3.63 36.16
CA LYS A 70 18.73 -2.83 35.35
C LYS A 70 18.93 -3.32 33.96
N GLU A 71 19.18 -4.63 33.82
CA GLU A 71 19.14 -5.12 32.45
C GLU A 71 17.91 -5.97 32.19
N VAL A 72 17.38 -5.86 30.99
CA VAL A 72 16.31 -6.68 30.51
C VAL A 72 16.88 -7.37 29.27
N SER A 73 16.71 -8.67 29.18
CA SER A 73 17.28 -9.44 28.09
C SER A 73 16.19 -10.23 27.42
N VAL A 74 16.19 -10.24 26.10
CA VAL A 74 15.13 -10.91 25.36
C VAL A 74 15.70 -12.01 24.47
N ARG A 75 15.14 -13.21 24.57
CA ARG A 75 15.52 -14.32 23.72
C ARG A 75 14.89 -14.09 22.35
N THR A 76 15.76 -13.55 21.48
CA THR A 76 15.40 -13.18 20.14
C THR A 76 15.42 -14.44 19.36
N GLY A 77 16.49 -15.20 19.63
CA GLY A 77 16.87 -16.27 18.78
C GLY A 77 17.74 -15.67 17.75
N GLY A 78 17.52 -14.38 17.45
CA GLY A 78 18.07 -13.90 16.23
C GLY A 78 17.44 -14.76 15.19
N LEU A 79 18.22 -15.10 14.14
CA LEU A 79 17.79 -16.13 13.23
C LEU A 79 17.74 -17.38 14.03
N ALA A 80 18.73 -17.56 14.90
CA ALA A 80 18.91 -18.76 15.65
C ALA A 80 17.79 -18.89 16.62
N ASP A 81 17.82 -19.99 17.39
CA ASP A 81 16.87 -20.19 18.43
C ASP A 81 17.17 -19.15 19.45
N LYS A 82 16.21 -18.87 20.35
CA LYS A 82 16.36 -17.77 21.25
C LYS A 82 17.26 -18.17 22.36
N SER A 83 18.32 -18.94 22.01
CA SER A 83 19.52 -18.91 22.78
C SER A 83 19.99 -17.53 22.58
N SER A 84 19.79 -17.02 21.33
CA SER A 84 20.29 -15.70 21.03
C SER A 84 19.57 -14.76 21.93
N ARG A 85 20.30 -13.76 22.42
CA ARG A 85 19.71 -12.76 23.28
C ARG A 85 19.98 -11.34 22.81
N LYS A 86 19.11 -10.42 23.19
CA LYS A 86 19.27 -8.99 22.94
C LYS A 86 19.15 -8.37 24.34
N THR A 87 20.18 -7.67 24.77
CA THR A 87 20.19 -7.13 26.13
C THR A 87 20.27 -5.61 26.17
N TYR A 88 19.36 -5.01 26.94
CA TYR A 88 19.31 -3.57 27.05
C TYR A 88 19.57 -3.18 28.49
N THR A 89 20.12 -1.99 28.69
CA THR A 89 20.35 -1.47 30.01
C THR A 89 19.48 -0.23 30.23
N PHE A 90 18.76 -0.16 31.36
CA PHE A 90 17.65 0.76 31.35
C PHE A 90 17.86 1.75 32.46
N ASP A 91 17.20 2.93 32.37
CA ASP A 91 17.32 3.90 33.41
C ASP A 91 16.85 3.23 34.63
N MET A 92 15.65 2.66 34.59
CA MET A 92 15.22 1.81 35.67
C MET A 92 14.62 0.58 35.04
N VAL A 93 14.80 -0.61 35.67
CA VAL A 93 14.29 -1.84 35.10
C VAL A 93 13.56 -2.58 36.17
N PHE A 94 12.31 -3.03 35.89
CA PHE A 94 11.52 -3.79 36.85
C PHE A 94 11.14 -5.15 36.30
N GLY A 95 11.45 -6.24 37.03
CA GLY A 95 11.06 -7.53 36.55
C GLY A 95 9.61 -7.65 36.84
N ALA A 96 9.05 -8.85 36.59
CA ALA A 96 7.67 -9.09 36.87
C ALA A 96 7.45 -8.85 38.32
N SER A 97 8.45 -9.22 39.14
CA SER A 97 8.36 -9.28 40.57
C SER A 97 8.04 -7.91 41.09
N THR A 98 8.51 -6.86 40.38
CA THR A 98 8.45 -5.53 40.93
C THR A 98 7.08 -5.19 41.36
N LYS A 99 6.96 -4.67 42.60
CA LYS A 99 5.67 -4.37 43.16
C LYS A 99 5.26 -3.03 42.63
N GLN A 100 3.94 -2.81 42.54
CA GLN A 100 3.46 -1.62 41.90
C GLN A 100 3.80 -0.37 42.60
N ILE A 101 3.60 -0.40 43.88
CA ILE A 101 3.86 0.71 44.67
C ILE A 101 5.23 1.18 44.58
N ASP A 102 6.06 0.26 44.52
CA ASP A 102 7.40 0.59 44.41
C ASP A 102 7.71 1.36 43.18
N VAL A 103 7.07 1.00 42.14
CA VAL A 103 7.28 1.63 40.91
C VAL A 103 6.87 3.05 40.93
N TYR A 104 5.77 3.19 41.48
CA TYR A 104 5.24 4.50 41.63
C TYR A 104 6.11 5.38 42.46
N ARG A 105 6.46 4.85 43.59
CA ARG A 105 7.25 5.61 44.48
C ARG A 105 8.48 6.09 43.81
N SER A 106 9.08 5.22 43.11
CA SER A 106 10.30 5.53 42.45
C SER A 106 10.14 6.52 41.32
N VAL A 107 9.01 6.47 40.65
CA VAL A 107 8.76 7.34 39.52
C VAL A 107 7.87 8.54 39.79
N VAL A 108 6.77 8.33 40.53
CA VAL A 108 5.81 9.40 40.80
C VAL A 108 6.21 10.45 41.82
N CYS A 109 6.63 10.03 42.99
CA CYS A 109 7.03 10.96 44.04
C CYS A 109 7.95 12.08 43.57
N PRO A 110 9.02 11.74 42.84
CA PRO A 110 9.90 12.79 42.34
C PRO A 110 9.17 13.73 41.35
N ILE A 111 8.23 13.18 40.60
CA ILE A 111 7.44 13.98 39.65
C ILE A 111 6.56 14.95 40.44
N LEU A 112 5.91 14.46 41.48
CA LEU A 112 4.99 15.26 42.27
C LEU A 112 5.65 16.53 42.79
N ASP A 113 6.89 16.42 43.22
CA ASP A 113 7.62 17.59 43.69
C ASP A 113 7.82 18.61 42.57
N GLU A 114 8.03 18.12 41.35
CA GLU A 114 8.21 18.98 40.18
C GLU A 114 6.92 19.71 39.87
N VAL A 115 5.81 19.01 40.03
CA VAL A 115 4.51 19.61 39.81
C VAL A 115 4.38 20.78 40.78
N ILE A 116 4.72 20.56 42.05
CA ILE A 116 4.61 21.58 43.09
C ILE A 116 5.54 22.75 42.83
N MET A 117 6.63 22.49 42.12
CA MET A 117 7.56 23.53 41.75
C MET A 117 6.97 24.41 40.64
N GLY A 118 6.01 23.82 39.89
CA GLY A 118 5.52 24.42 38.68
C GLY A 118 5.89 23.74 37.45
N TYR A 119 6.63 22.64 37.60
CA TYR A 119 6.99 21.79 36.46
C TYR A 119 5.76 21.43 35.68
N ASN A 120 6.02 21.31 34.40
CA ASN A 120 4.99 20.55 33.73
C ASN A 120 5.59 19.17 33.53
N CYS A 121 4.88 18.13 33.96
CA CYS A 121 5.39 16.77 33.82
C CYS A 121 4.42 15.83 33.14
N THR A 122 4.98 14.84 32.46
CA THR A 122 4.18 13.87 31.77
C THR A 122 4.78 12.49 31.97
N ILE A 123 3.91 11.53 32.23
CA ILE A 123 4.28 10.14 32.31
C ILE A 123 3.41 9.38 31.33
N PHE A 124 4.04 8.66 30.41
CA PHE A 124 3.31 7.82 29.48
C PHE A 124 3.58 6.39 29.66
N ALA A 125 2.53 5.59 29.67
CA ALA A 125 2.64 4.17 29.78
C ALA A 125 2.45 3.61 28.43
N TYR A 126 3.42 2.83 27.99
CA TYR A 126 3.37 2.06 26.78
C TYR A 126 3.46 0.62 27.20
N GLY A 127 3.04 -0.33 26.36
CA GLY A 127 3.44 -1.69 26.54
C GLY A 127 2.28 -2.58 26.19
N GLN A 128 2.25 -3.74 26.80
CA GLN A 128 1.16 -4.66 26.60
C GLN A 128 0.18 -4.53 27.73
N THR A 129 -1.07 -4.87 27.45
CA THR A 129 -2.09 -4.78 28.42
C THR A 129 -1.76 -5.80 29.49
N GLY A 130 -1.30 -6.99 29.05
CA GLY A 130 -0.96 -8.02 29.98
C GLY A 130 0.14 -7.47 30.83
N THR A 131 1.04 -6.69 30.20
CA THR A 131 2.17 -6.20 30.92
C THR A 131 1.66 -5.32 31.99
N GLY A 132 0.46 -4.77 31.82
CA GLY A 132 -0.07 -4.02 32.92
C GLY A 132 0.00 -2.55 32.68
N LYS A 133 -0.42 -2.12 31.46
CA LYS A 133 -1.23 -0.89 31.53
C LYS A 133 -2.42 -1.02 32.47
N THR A 134 -3.17 -2.10 32.30
CA THR A 134 -4.33 -2.35 33.12
C THR A 134 -3.92 -2.74 34.53
N PHE A 135 -2.87 -3.54 34.62
CA PHE A 135 -2.37 -3.94 35.94
C PHE A 135 -1.99 -2.67 36.70
N THR A 136 -1.39 -1.72 36.02
CA THR A 136 -0.96 -0.47 36.64
C THR A 136 -2.12 0.47 36.99
N MET A 137 -3.05 0.64 36.06
CA MET A 137 -4.18 1.55 36.29
C MET A 137 -5.26 1.02 37.22
N GLU A 138 -5.52 -0.30 37.18
CA GLU A 138 -6.49 -0.87 38.05
C GLU A 138 -6.03 -0.61 39.45
N GLY A 139 -4.71 -0.78 39.70
CA GLY A 139 -4.21 -0.49 41.01
C GLY A 139 -2.92 -1.23 41.19
N GLY A 156 -3.47 2.22 43.17
CA GLY A 156 -3.71 3.43 42.48
C GLY A 156 -4.20 2.97 41.14
N ILE A 157 -3.44 3.36 40.09
CA ILE A 157 -2.55 4.49 40.21
C ILE A 157 -3.29 5.80 40.39
N ILE A 158 -4.37 6.03 39.62
CA ILE A 158 -5.01 7.32 39.69
C ILE A 158 -5.64 7.59 41.02
N PRO A 159 -6.38 6.69 41.60
CA PRO A 159 -7.03 7.05 42.82
C PRO A 159 -6.04 7.37 43.90
N ARG A 160 -4.89 6.68 43.88
CA ARG A 160 -3.89 6.92 44.89
C ARG A 160 -3.34 8.32 44.74
N THR A 161 -3.16 8.76 43.48
CA THR A 161 -2.43 9.97 43.24
C THR A 161 -3.05 11.22 43.81
N LEU A 162 -4.37 11.44 43.63
CA LEU A 162 -5.03 12.64 44.06
C LEU A 162 -4.94 12.84 45.58
N HIS A 163 -5.02 11.75 46.34
CA HIS A 163 -4.89 11.78 47.79
C HIS A 163 -3.52 12.32 48.20
N GLN A 164 -2.48 11.69 47.70
CA GLN A 164 -1.10 12.09 47.96
C GLN A 164 -0.83 13.55 47.56
N ILE A 165 -1.34 13.94 46.39
CA ILE A 165 -1.14 15.29 45.89
C ILE A 165 -1.60 16.34 46.89
N PHE A 166 -2.82 16.20 47.38
CA PHE A 166 -3.33 17.09 48.41
C PHE A 166 -2.51 17.01 49.69
N GLU A 167 -2.17 15.80 50.12
CA GLU A 167 -1.38 15.62 51.33
C GLU A 167 -0.05 16.36 51.27
N LYS A 168 0.67 16.23 50.17
CA LYS A 168 1.95 16.87 50.02
C LYS A 168 1.80 18.38 49.93
N LEU A 169 0.79 18.83 49.21
CA LEU A 169 0.58 20.25 49.04
C LEU A 169 0.18 20.93 50.34
N THR A 170 -0.76 20.33 51.06
CA THR A 170 -1.28 20.92 52.28
C THR A 170 -0.25 20.91 53.36
N ASP A 171 0.53 19.80 53.44
CA ASP A 171 1.63 19.83 54.36
C ASP A 171 2.53 20.92 53.90
N ASN A 172 2.64 21.12 52.58
CA ASN A 172 3.44 22.19 52.09
C ASN A 172 2.83 23.43 52.67
N GLY A 173 1.50 23.47 52.68
CA GLY A 173 0.82 24.53 53.35
C GLY A 173 0.58 25.60 52.35
N THR A 174 0.97 25.36 51.08
CA THR A 174 0.75 26.38 50.12
C THR A 174 -0.73 26.46 49.89
N GLU A 175 -1.22 27.69 49.71
CA GLU A 175 -2.56 27.91 49.28
C GLU A 175 -2.63 27.37 47.87
N PHE A 176 -3.50 26.40 47.65
CA PHE A 176 -3.56 25.76 46.37
C PHE A 176 -4.97 25.42 45.88
N SER A 177 -5.06 25.23 44.57
CA SER A 177 -6.25 24.76 43.92
C SER A 177 -5.86 23.60 43.02
N VAL A 178 -6.74 22.62 42.91
CA VAL A 178 -6.48 21.46 42.08
C VAL A 178 -7.62 21.28 41.07
N LYS A 179 -7.26 21.22 39.80
CA LYS A 179 -8.22 21.01 38.71
C LYS A 179 -7.81 19.79 37.89
N VAL A 180 -8.77 18.94 37.57
CA VAL A 180 -8.48 17.74 36.78
C VAL A 180 -9.27 17.66 35.48
N SER A 181 -8.72 16.93 34.51
CA SER A 181 -9.36 16.70 33.21
C SER A 181 -9.09 15.29 32.79
N LEU A 182 -9.97 14.71 31.98
CA LEU A 182 -9.77 13.38 31.44
C LEU A 182 -10.37 13.29 30.05
N LEU A 183 -9.53 13.07 29.06
CA LEU A 183 -9.99 12.91 27.70
C LEU A 183 -9.45 11.64 27.10
N GLU A 184 -10.07 11.19 26.03
CA GLU A 184 -9.65 9.99 25.38
C GLU A 184 -9.49 10.35 23.93
N ILE A 185 -8.45 9.81 23.32
CA ILE A 185 -8.23 10.02 21.91
C ILE A 185 -8.66 8.73 21.23
N TYR A 186 -9.77 8.81 20.51
CA TYR A 186 -10.33 7.67 19.80
C TYR A 186 -10.42 7.95 18.29
N ASN A 187 -9.75 7.13 17.51
CA ASN A 187 -9.75 7.30 16.06
C ASN A 187 -9.49 8.76 15.66
N GLU A 188 -8.44 9.33 16.22
CA GLU A 188 -8.06 10.70 15.95
C GLU A 188 -9.09 11.77 16.31
N GLU A 189 -9.98 11.46 17.25
CA GLU A 189 -10.98 12.44 17.70
C GLU A 189 -10.88 12.55 19.22
N LEU A 190 -11.19 13.73 19.73
CA LEU A 190 -11.15 13.97 21.16
C LEU A 190 -12.49 13.81 21.84
N PHE A 191 -12.54 13.07 22.93
CA PHE A 191 -13.78 12.93 23.69
C PHE A 191 -13.56 13.15 25.19
N ASP A 192 -14.26 14.15 25.73
CA ASP A 192 -14.24 14.44 27.17
C ASP A 192 -14.92 13.32 27.94
N LEU A 193 -14.06 12.65 28.75
CA LEU A 193 -14.40 11.79 29.84
C LEU A 193 -14.70 12.60 31.07
N LEU A 194 -13.79 13.56 31.37
CA LEU A 194 -13.66 14.02 32.72
C LEU A 194 -14.95 14.66 33.13
N ASN A 195 -15.46 15.55 32.27
CA ASN A 195 -16.70 16.19 32.58
C ASN A 195 -17.71 15.47 31.77
N PRO A 196 -18.46 14.63 32.43
CA PRO A 196 -19.70 14.15 31.92
C PRO A 196 -20.54 15.37 31.76
N SER A 197 -20.25 16.41 32.57
CA SER A 197 -20.90 17.66 32.41
C SER A 197 -20.55 18.11 31.04
N SER A 198 -19.26 17.97 30.69
CA SER A 198 -18.86 18.25 29.37
C SER A 198 -19.33 17.09 28.56
N ASP A 199 -19.18 17.18 27.24
CA ASP A 199 -19.79 16.19 26.40
C ASP A 199 -18.92 14.98 26.42
N VAL A 200 -19.40 13.93 25.72
CA VAL A 200 -18.63 12.74 25.56
C VAL A 200 -17.39 13.15 24.84
N SER A 201 -17.54 14.08 23.88
CA SER A 201 -16.34 14.71 23.40
C SER A 201 -16.33 16.05 24.04
N GLU A 202 -15.18 16.42 24.61
CA GLU A 202 -15.05 17.76 25.10
C GLU A 202 -14.98 18.57 23.85
N ARG A 203 -15.40 19.84 23.90
CA ARG A 203 -15.29 20.56 22.67
C ARG A 203 -13.83 20.65 22.40
N LEU A 204 -13.36 19.95 21.35
CA LEU A 204 -11.96 19.84 21.28
C LEU A 204 -11.49 20.46 20.01
N GLN A 205 -10.71 21.53 20.20
CA GLN A 205 -9.82 22.10 19.20
C GLN A 205 -8.56 22.60 19.88
N MET A 206 -7.47 22.54 19.15
CA MET A 206 -6.19 22.97 19.70
C MET A 206 -5.48 23.97 18.82
N PHE A 207 -4.99 25.02 19.43
CA PHE A 207 -4.28 26.07 18.73
C PHE A 207 -2.95 26.32 19.41
N ASP A 208 -2.08 27.09 18.79
CA ASP A 208 -0.81 27.44 19.38
C ASP A 208 -1.02 28.63 20.27
N ASP A 209 -0.50 28.58 21.50
CA ASP A 209 -0.49 29.79 22.25
C ASP A 209 0.90 30.31 22.12
N PRO A 210 1.01 31.54 21.77
CA PRO A 210 2.18 32.00 21.11
C PRO A 210 3.35 31.87 22.04
N ARG A 211 3.10 31.68 23.35
CA ARG A 211 4.17 31.70 24.27
C ARG A 211 5.08 30.57 23.92
N ASN A 212 4.52 29.37 23.71
CA ASN A 212 5.33 28.28 23.27
C ASN A 212 4.80 27.86 21.96
N LYS A 213 5.69 27.72 20.96
CA LYS A 213 5.22 27.27 19.68
C LYS A 213 4.68 25.90 19.88
N ARG A 214 5.47 25.04 20.56
CA ARG A 214 5.06 23.71 20.84
C ARG A 214 3.91 23.82 21.78
N GLY A 215 3.99 24.81 22.71
CA GLY A 215 2.99 25.08 23.70
C GLY A 215 1.73 25.30 22.93
N VAL A 216 0.66 24.65 23.43
CA VAL A 216 -0.63 24.65 22.79
C VAL A 216 -1.74 24.98 23.78
N ILE A 217 -2.91 25.30 23.26
CA ILE A 217 -4.08 25.55 24.08
C ILE A 217 -5.25 24.71 23.60
N ILE A 218 -5.84 23.96 24.52
CA ILE A 218 -6.95 23.08 24.22
C ILE A 218 -8.18 23.82 24.71
N LYS A 219 -8.83 24.53 23.81
CA LYS A 219 -10.02 25.28 24.16
C LYS A 219 -11.17 24.38 24.60
N GLY A 220 -11.89 24.81 25.67
CA GLY A 220 -13.20 24.29 25.92
C GLY A 220 -13.15 23.27 27.01
N LEU A 221 -12.02 22.57 27.18
CA LEU A 221 -12.05 21.60 28.24
C LEU A 221 -11.98 22.36 29.51
N GLU A 222 -12.68 21.87 30.55
CA GLU A 222 -12.59 22.55 31.80
C GLU A 222 -12.04 21.59 32.79
N GLU A 223 -11.08 22.06 33.62
CA GLU A 223 -10.76 21.35 34.81
C GLU A 223 -11.44 22.10 35.89
N ILE A 224 -12.01 21.39 36.86
CA ILE A 224 -12.71 22.07 37.91
C ILE A 224 -11.86 21.96 39.12
N THR A 225 -11.57 23.11 39.75
CA THR A 225 -10.68 23.04 40.85
C THR A 225 -11.44 22.70 42.07
N VAL A 226 -10.81 21.87 42.95
CA VAL A 226 -11.32 21.69 44.28
C VAL A 226 -10.14 21.70 45.19
N HIS A 227 -10.25 22.39 46.35
CA HIS A 227 -9.18 22.44 47.29
C HIS A 227 -9.07 21.11 47.96
N ASN A 228 -10.20 20.42 48.15
CA ASN A 228 -10.21 19.19 48.89
C ASN A 228 -9.80 18.07 47.99
N LYS A 229 -9.32 16.97 48.60
CA LYS A 229 -9.07 15.75 47.88
C LYS A 229 -10.39 15.21 47.42
N ASP A 230 -11.40 15.29 48.31
CA ASP A 230 -12.58 14.47 48.18
C ASP A 230 -13.27 14.76 46.90
N GLU A 231 -13.42 16.06 46.58
CA GLU A 231 -14.20 16.44 45.45
C GLU A 231 -13.60 15.77 44.27
N VAL A 232 -12.27 15.65 44.29
CA VAL A 232 -11.58 15.14 43.15
C VAL A 232 -12.02 13.72 42.93
N TYR A 233 -12.18 12.94 44.01
CA TYR A 233 -12.48 11.54 43.82
C TYR A 233 -13.76 11.40 43.12
N GLN A 234 -14.74 12.23 43.54
CA GLN A 234 -16.07 12.10 43.03
C GLN A 234 -15.97 12.27 41.54
N ILE A 235 -15.18 13.28 41.10
CA ILE A 235 -14.95 13.44 39.69
C ILE A 235 -14.28 12.22 39.19
N LEU A 236 -13.30 11.73 39.96
CA LEU A 236 -12.42 10.70 39.50
C LEU A 236 -13.25 9.54 39.14
N GLU A 237 -14.19 9.16 40.01
CA GLU A 237 -14.98 8.00 39.72
C GLU A 237 -15.74 8.26 38.45
N LYS A 238 -16.30 9.48 38.32
CA LYS A 238 -17.14 9.77 37.20
C LYS A 238 -16.30 9.64 35.97
N GLY A 239 -15.07 10.21 36.03
CA GLY A 239 -14.27 10.34 34.86
C GLY A 239 -14.00 8.99 34.31
N ALA A 240 -13.76 8.03 35.21
CA ALA A 240 -13.24 6.76 34.80
C ALA A 240 -14.20 6.15 33.85
N ALA A 241 -15.51 6.25 34.15
CA ALA A 241 -16.47 5.55 33.36
C ALA A 241 -16.38 6.07 31.96
N LYS A 242 -16.25 7.39 31.81
CA LYS A 242 -16.22 7.98 30.50
C LYS A 242 -15.01 7.46 29.82
N ARG A 243 -13.92 7.31 30.60
CA ARG A 243 -12.64 7.03 30.02
C ARG A 243 -12.68 5.72 29.31
N THR A 244 -13.43 4.73 29.85
CA THR A 244 -13.26 3.37 29.44
C THR A 244 -13.48 3.25 27.97
N THR A 245 -12.58 2.49 27.30
CA THR A 245 -12.65 2.27 25.89
C THR A 245 -13.15 0.88 25.68
N ALA A 246 -13.04 0.39 24.43
CA ALA A 246 -13.59 -0.87 24.06
C ALA A 246 -12.78 -1.97 24.65
N ALA A 247 -13.45 -3.09 24.97
CA ALA A 247 -12.83 -4.30 25.38
C ALA A 247 -12.38 -4.98 24.14
N THR A 248 -11.52 -6.01 24.28
CA THR A 248 -11.07 -6.70 23.09
C THR A 248 -11.44 -8.15 23.22
N LEU A 249 -11.35 -8.88 22.11
CA LEU A 249 -11.48 -10.31 22.22
C LEU A 249 -10.31 -10.81 22.99
N MET A 250 -9.09 -10.38 22.60
CA MET A 250 -7.92 -10.97 23.19
C MET A 250 -7.91 -10.64 24.63
N ASN A 251 -8.19 -9.36 24.96
CA ASN A 251 -8.01 -8.98 26.33
C ASN A 251 -9.35 -8.61 26.79
N ALA A 252 -9.63 -8.81 28.08
CA ALA A 252 -10.94 -8.47 28.62
C ALA A 252 -11.19 -7.07 28.42
N TYR A 253 -10.12 -6.31 28.65
CA TYR A 253 -10.29 -4.93 28.34
C TYR A 253 -9.11 -4.50 27.45
N SER A 254 -9.36 -3.46 26.64
CA SER A 254 -8.27 -2.94 25.86
C SER A 254 -8.48 -1.47 25.90
N SER A 255 -7.45 -0.66 25.61
CA SER A 255 -7.66 0.75 25.45
C SER A 255 -7.77 1.02 23.99
N ARG A 256 -9.01 1.22 23.54
CA ARG A 256 -9.30 1.66 22.20
C ARG A 256 -8.72 3.02 22.09
N SER A 257 -8.90 3.85 23.13
CA SER A 257 -8.46 5.20 22.99
C SER A 257 -7.32 5.39 23.92
N HIS A 258 -6.40 6.28 23.51
CA HIS A 258 -5.36 6.80 24.39
C HIS A 258 -6.07 7.66 25.43
N SER A 259 -5.75 7.47 26.69
CA SER A 259 -6.33 8.29 27.74
C SER A 259 -5.33 9.28 28.29
N VAL A 260 -5.76 10.56 28.39
CA VAL A 260 -4.92 11.60 28.91
C VAL A 260 -5.61 12.18 30.12
N PHE A 261 -4.96 12.06 31.28
CA PHE A 261 -5.50 12.57 32.51
C PHE A 261 -4.60 13.67 32.96
N SER A 262 -5.15 14.88 33.19
CA SER A 262 -4.26 15.96 33.58
C SER A 262 -4.72 16.64 34.83
N VAL A 263 -3.74 16.90 35.73
CA VAL A 263 -4.03 17.58 36.97
C VAL A 263 -3.22 18.84 36.99
N THR A 264 -3.91 19.99 37.15
CA THR A 264 -3.22 21.25 37.16
C THR A 264 -3.33 21.80 38.56
N ILE A 265 -2.19 22.31 39.09
CA ILE A 265 -2.21 22.79 40.44
C ILE A 265 -1.73 24.21 40.47
N HIS A 266 -2.58 25.11 41.02
CA HIS A 266 -2.20 26.49 41.17
C HIS A 266 -1.79 26.65 42.59
N MET A 267 -0.59 27.21 42.81
CA MET A 267 -0.05 27.38 44.15
C MET A 267 0.35 28.83 44.38
N LYS A 268 0.04 29.33 45.57
CA LYS A 268 0.41 30.70 45.95
C LYS A 268 0.98 30.71 47.35
N GLU A 269 2.08 31.38 47.56
CA GLU A 269 2.72 31.45 48.85
C GLU A 269 3.33 32.82 49.04
N THR A 270 3.34 33.29 50.27
CA THR A 270 3.97 34.55 50.61
C THR A 270 5.31 34.30 51.17
N GLU A 276 4.93 37.68 46.95
CA GLU A 276 4.14 36.54 46.73
C GLU A 276 4.65 35.81 45.51
N LEU A 277 4.86 34.51 45.64
CA LEU A 277 5.25 33.69 44.50
C LEU A 277 4.10 32.81 44.06
N VAL A 278 3.76 32.89 42.79
CA VAL A 278 2.71 32.06 42.23
C VAL A 278 3.29 31.09 41.21
N LYS A 279 3.12 29.79 41.47
CA LYS A 279 3.60 28.76 40.56
C LYS A 279 2.46 27.90 40.10
N ILE A 280 2.57 27.35 38.89
CA ILE A 280 1.55 26.41 38.40
C ILE A 280 2.24 25.12 37.99
N GLY A 281 1.73 24.01 38.49
CA GLY A 281 2.31 22.71 38.22
C GLY A 281 1.27 21.89 37.46
N LYS A 282 1.73 21.06 36.55
CA LYS A 282 0.81 20.30 35.72
C LYS A 282 1.36 18.91 35.55
N LEU A 283 0.51 17.91 35.74
CA LEU A 283 0.88 16.53 35.50
C LEU A 283 -0.07 15.87 34.52
N ASN A 284 0.49 15.28 33.46
CA ASN A 284 -0.26 14.50 32.49
C ASN A 284 0.05 13.02 32.65
N LEU A 285 -0.97 12.22 32.92
CA LEU A 285 -0.80 10.78 33.04
C LEU A 285 -1.40 10.16 31.79
N VAL A 286 -0.55 9.68 30.90
CA VAL A 286 -1.01 9.16 29.63
C VAL A 286 -0.95 7.65 29.55
N ASP A 287 -2.10 7.06 29.24
CA ASP A 287 -2.23 5.63 29.08
C ASP A 287 -2.46 5.41 27.62
N LEU A 288 -1.46 4.75 27.01
CA LEU A 288 -1.36 4.28 25.67
C LEU A 288 -2.60 3.52 25.34
N ALA A 289 -3.02 3.67 24.07
CA ALA A 289 -4.02 2.87 23.45
C ALA A 289 -3.30 1.97 22.51
N GLY A 290 -3.64 0.69 22.54
CA GLY A 290 -2.89 -0.25 21.75
C GLY A 290 -3.79 -1.03 20.84
N SER A 291 -3.21 -1.52 19.75
CA SER A 291 -3.98 -2.30 18.78
C SER A 291 -3.38 -3.68 18.70
N GLU A 292 -4.18 -4.62 18.21
CA GLU A 292 -3.70 -5.93 17.98
C GLU A 292 -3.79 -6.13 16.49
N ASN A 293 -3.08 -7.11 15.96
CA ASN A 293 -3.14 -7.27 14.53
C ASN A 293 -4.53 -7.61 14.26
N ILE A 294 -5.14 -6.98 13.22
CA ILE A 294 -6.51 -7.21 12.91
C ILE A 294 -6.63 -8.63 12.49
N GLY A 295 -5.66 -9.09 11.68
CA GLY A 295 -5.75 -10.38 11.08
C GLY A 295 -5.80 -11.38 12.19
N ARG A 296 -4.94 -11.21 13.20
CA ARG A 296 -4.92 -12.13 14.30
C ARG A 296 -6.25 -12.06 14.98
N SER A 297 -6.74 -10.83 15.19
CA SER A 297 -7.92 -10.65 15.96
C SER A 297 -9.02 -11.37 15.25
N GLY A 298 -9.17 -11.15 13.93
CA GLY A 298 -10.30 -11.70 13.27
C GLY A 298 -11.46 -10.92 13.69
N ALA A 299 -11.16 -9.69 14.15
CA ALA A 299 -12.15 -8.82 14.71
C ALA A 299 -13.02 -8.36 13.58
N VAL A 300 -14.21 -7.81 13.94
CA VAL A 300 -15.11 -7.30 12.96
C VAL A 300 -14.36 -6.26 12.21
N ASP A 301 -14.78 -5.98 10.96
CA ASP A 301 -14.02 -5.18 10.08
C ASP A 301 -13.88 -3.84 10.71
N LYS A 302 -14.96 -3.32 11.34
CA LYS A 302 -14.88 -2.03 11.94
C LYS A 302 -13.82 -2.12 13.00
N ARG A 303 -13.85 -3.19 13.80
CA ARG A 303 -12.94 -3.30 14.90
C ARG A 303 -11.54 -3.34 14.31
N ALA A 304 -11.36 -4.12 13.22
CA ALA A 304 -10.06 -4.26 12.66
C ALA A 304 -9.63 -2.91 12.18
N ARG A 305 -10.56 -2.17 11.55
CA ARG A 305 -10.22 -0.92 10.96
C ARG A 305 -9.73 -0.02 12.04
N GLU A 306 -10.46 0.06 13.17
CA GLU A 306 -10.10 1.01 14.17
C GLU A 306 -8.76 0.63 14.69
N ALA A 307 -8.53 -0.67 14.90
CA ALA A 307 -7.27 -1.13 15.42
C ALA A 307 -6.21 -0.76 14.43
N GLY A 308 -6.50 -0.94 13.13
CA GLY A 308 -5.50 -0.69 12.13
C GLY A 308 -5.14 0.75 12.19
N ASN A 309 -6.16 1.63 12.37
CA ASN A 309 -5.86 3.02 12.30
C ASN A 309 -4.87 3.34 13.37
N ILE A 310 -5.17 2.92 14.62
CA ILE A 310 -4.27 3.23 15.69
C ILE A 310 -2.97 2.59 15.42
N ASN A 311 -2.99 1.34 14.93
CA ASN A 311 -1.81 0.54 14.84
C ASN A 311 -1.03 1.38 13.92
N GLN A 312 -1.54 1.76 12.77
CA GLN A 312 -0.81 2.46 11.77
C GLN A 312 -0.29 3.69 12.41
N SER A 313 -1.12 4.29 13.28
CA SER A 313 -0.74 5.51 13.92
C SER A 313 0.51 5.21 14.72
N LEU A 314 0.62 4.01 15.29
CA LEU A 314 1.78 3.63 16.06
C LEU A 314 3.00 3.66 15.19
N LEU A 315 2.86 3.32 13.91
CA LEU A 315 3.99 3.42 13.04
C LEU A 315 4.32 4.85 12.90
N THR A 316 3.29 5.70 12.75
CA THR A 316 3.51 7.10 12.59
C THR A 316 4.23 7.56 13.81
N LEU A 317 3.78 7.10 14.98
CA LEU A 317 4.38 7.46 16.22
C LEU A 317 5.77 6.94 16.02
N GLY A 318 6.10 5.75 15.70
CA GLY A 318 7.50 5.39 15.56
C GLY A 318 8.25 6.26 14.58
N ARG A 319 7.56 6.84 13.59
CA ARG A 319 8.23 7.63 12.60
C ARG A 319 8.68 8.92 13.21
N VAL A 320 7.79 9.57 13.98
CA VAL A 320 8.16 10.82 14.57
C VAL A 320 9.31 10.56 15.49
N ILE A 321 9.26 9.44 16.21
CA ILE A 321 10.25 9.20 17.24
C ILE A 321 11.61 9.11 16.58
N THR A 322 11.67 8.42 15.45
CA THR A 322 12.92 8.28 14.75
C THR A 322 13.38 9.62 14.25
N ALA A 323 12.46 10.55 14.03
CA ALA A 323 12.84 11.87 13.64
C ALA A 323 13.47 12.52 14.82
N LEU A 324 12.89 12.33 16.02
CA LEU A 324 13.42 13.00 17.16
C LEU A 324 14.83 12.53 17.32
N VAL A 325 15.05 11.22 17.09
CA VAL A 325 16.38 10.68 17.19
C VAL A 325 17.21 11.38 16.16
N GLU A 326 16.59 11.58 14.99
CA GLU A 326 17.26 12.18 13.87
C GLU A 326 17.74 13.54 14.25
N ARG A 327 16.94 14.26 15.05
CA ARG A 327 17.20 15.66 15.22
C ARG A 327 17.07 16.23 13.84
N THR A 328 16.10 15.67 13.07
CA THR A 328 15.81 15.97 11.70
C THR A 328 14.98 17.32 11.81
N PRO A 329 15.12 18.06 10.73
CA PRO A 329 14.55 19.39 10.73
C PRO A 329 13.05 19.44 11.06
N HIS A 330 12.30 18.46 10.58
CA HIS A 330 10.86 18.46 10.80
C HIS A 330 10.41 17.31 11.69
N VAL A 331 9.69 17.64 12.74
CA VAL A 331 9.17 16.66 13.67
C VAL A 331 7.66 16.65 13.42
N PRO A 332 7.13 15.50 12.98
CA PRO A 332 5.73 15.37 12.58
C PRO A 332 4.69 15.37 13.71
N TYR A 333 4.79 16.34 14.62
CA TYR A 333 3.88 16.48 15.75
C TYR A 333 2.42 16.57 15.31
N ARG A 334 2.17 17.49 14.39
CA ARG A 334 0.83 17.74 13.87
C ARG A 334 0.17 16.58 13.13
N GLU A 335 0.93 15.52 12.85
CA GLU A 335 0.34 14.40 12.13
C GLU A 335 -0.56 13.49 12.96
N SER A 336 -0.43 13.74 14.26
CA SER A 336 -1.28 13.17 15.26
C SER A 336 -1.67 14.30 16.13
N LYS A 337 -2.93 14.32 16.62
CA LYS A 337 -3.37 15.19 17.69
C LYS A 337 -2.59 14.91 18.97
N LEU A 338 -2.29 13.65 19.22
CA LEU A 338 -1.55 13.26 20.40
C LEU A 338 -0.17 13.86 20.44
N THR A 339 0.57 13.74 19.34
CA THR A 339 1.92 14.28 19.32
C THR A 339 1.95 15.79 19.21
N ARG A 340 0.84 16.39 18.82
CA ARG A 340 0.78 17.84 18.74
C ARG A 340 0.59 18.35 20.16
N ILE A 341 -0.33 17.71 20.87
CA ILE A 341 -0.59 18.04 22.26
C ILE A 341 0.67 17.81 23.10
N LEU A 342 1.30 16.66 22.81
CA LEU A 342 2.50 16.16 23.40
C LEU A 342 3.57 17.13 23.06
N GLN A 343 3.36 17.89 21.98
CA GLN A 343 4.45 18.39 21.18
C GLN A 343 5.53 19.12 21.99
N ASP A 344 5.11 20.00 22.87
CA ASP A 344 6.06 20.76 23.63
C ASP A 344 6.84 19.89 24.61
N SER A 345 6.32 18.71 24.90
CA SER A 345 6.91 17.81 25.86
C SER A 345 8.05 17.04 25.23
N LEU A 346 8.10 17.03 23.88
CA LEU A 346 8.97 16.08 23.23
C LEU A 346 10.35 16.58 23.38
N GLY A 347 11.05 16.10 24.43
CA GLY A 347 12.36 16.61 24.70
C GLY A 347 12.16 18.03 25.09
N GLY A 348 10.92 18.36 25.49
CA GLY A 348 10.56 19.74 25.58
C GLY A 348 10.85 20.16 26.95
N ARG A 349 10.28 21.32 27.32
CA ARG A 349 10.45 21.91 28.61
C ARG A 349 9.86 20.96 29.57
N THR A 350 8.82 20.23 29.12
CA THR A 350 8.13 19.37 30.06
C THR A 350 9.07 18.27 30.53
N ARG A 351 8.96 17.88 31.79
CA ARG A 351 9.74 16.81 32.36
C ARG A 351 8.95 15.54 32.04
N THR A 352 9.54 14.66 31.25
CA THR A 352 8.84 13.47 30.78
C THR A 352 9.45 12.12 31.18
N SER A 353 8.58 11.20 31.58
CA SER A 353 8.99 9.84 31.91
C SER A 353 8.14 8.86 31.14
N ILE A 354 8.76 7.77 30.70
CA ILE A 354 8.08 6.72 29.97
C ILE A 354 8.22 5.39 30.68
N ILE A 355 7.10 4.69 30.83
CA ILE A 355 7.07 3.37 31.41
C ILE A 355 6.66 2.43 30.29
N ALA A 356 7.60 1.64 29.80
CA ALA A 356 7.34 0.68 28.73
C ALA A 356 7.13 -0.68 29.36
N THR A 357 6.00 -1.29 29.11
CA THR A 357 5.72 -2.60 29.64
C THR A 357 5.90 -3.64 28.54
N ILE A 358 6.48 -4.77 28.92
CA ILE A 358 6.74 -5.83 27.97
C ILE A 358 6.35 -7.19 28.52
N SER A 359 6.05 -8.12 27.62
CA SER A 359 5.61 -9.44 27.96
C SER A 359 6.80 -10.35 27.73
N PRO A 360 7.07 -11.20 28.71
CA PRO A 360 8.12 -12.15 28.60
C PRO A 360 7.78 -13.08 27.50
N ALA A 361 6.49 -13.11 27.08
CA ALA A 361 6.09 -14.13 26.17
C ALA A 361 6.90 -13.99 24.92
N SER A 362 7.35 -15.14 24.42
CA SER A 362 8.07 -15.22 23.18
C SER A 362 7.12 -14.92 22.08
N LEU A 363 5.82 -15.13 22.33
CA LEU A 363 4.88 -15.22 21.25
C LEU A 363 4.89 -13.93 20.48
N ASN A 364 4.83 -12.78 21.18
CA ASN A 364 4.77 -11.58 20.41
C ASN A 364 6.16 -11.09 20.19
N LEU A 365 6.73 -11.46 19.04
CA LEU A 365 8.02 -10.96 18.69
C LEU A 365 7.92 -9.48 18.44
N GLU A 366 6.86 -9.09 17.69
CA GLU A 366 6.85 -7.78 17.12
C GLU A 366 6.86 -6.78 18.25
N GLU A 367 6.04 -6.99 19.27
CA GLU A 367 5.87 -5.97 20.28
C GLU A 367 7.15 -5.89 21.05
N THR A 368 7.80 -7.03 21.27
CA THR A 368 9.01 -7.01 22.05
C THR A 368 10.02 -6.23 21.28
N LEU A 369 10.14 -6.53 19.97
CA LEU A 369 11.12 -5.84 19.17
C LEU A 369 10.78 -4.40 19.18
N SER A 370 9.49 -4.08 19.02
CA SER A 370 9.03 -2.72 18.82
C SER A 370 9.32 -1.91 20.04
N THR A 371 9.18 -2.55 21.21
CA THR A 371 9.42 -1.84 22.44
C THR A 371 10.86 -1.53 22.50
N LEU A 372 11.70 -2.52 22.14
CA LEU A 372 13.12 -2.40 22.33
C LEU A 372 13.57 -1.23 21.49
N GLU A 373 13.09 -1.17 20.24
CA GLU A 373 13.47 -0.12 19.34
C GLU A 373 13.08 1.16 19.98
N TYR A 374 11.87 1.21 20.56
CA TYR A 374 11.35 2.44 21.08
C TYR A 374 12.26 2.94 22.18
N ALA A 375 12.67 2.04 23.05
CA ALA A 375 13.38 2.48 24.23
C ALA A 375 14.66 3.18 23.82
N HIS A 376 15.27 2.73 22.71
CA HIS A 376 16.45 3.36 22.26
C HIS A 376 16.07 4.72 21.79
N ARG A 377 14.99 4.83 21.03
CA ARG A 377 14.66 6.08 20.37
C ARG A 377 14.36 7.13 21.40
N ALA A 378 13.74 6.71 22.51
CA ALA A 378 13.24 7.67 23.43
C ALA A 378 14.41 8.42 24.01
N LYS A 379 15.51 7.71 24.33
CA LYS A 379 16.60 8.33 25.02
C LYS A 379 17.14 9.42 24.15
N ASN A 380 17.19 9.15 22.83
CA ASN A 380 17.91 10.02 21.94
C ASN A 380 17.38 11.41 22.05
N ILE A 381 16.05 11.57 22.08
CA ILE A 381 15.48 12.90 22.12
C ILE A 381 15.89 13.52 23.40
N LEU A 382 16.32 14.79 23.35
CA LEU A 382 16.84 15.40 24.54
C LEU A 382 15.73 16.08 25.25
N ASN A 383 15.45 15.65 26.48
CA ASN A 383 14.34 16.08 27.30
C ASN A 383 14.85 17.23 28.07
N LYS A 384 14.15 18.37 27.99
CA LYS A 384 14.59 19.49 28.77
C LYS A 384 13.50 19.80 29.70
N PRO A 385 13.35 19.04 30.74
CA PRO A 385 12.41 19.41 31.80
C PRO A 385 12.98 20.63 32.39
N GLU A 386 12.14 21.66 32.59
CA GLU A 386 12.61 22.79 33.34
C GLU A 386 11.62 22.91 34.45
N VAL A 387 12.07 23.29 35.64
CA VAL A 387 11.05 23.38 36.62
C VAL A 387 10.29 24.60 36.22
N ASN A 388 8.97 24.46 36.04
CA ASN A 388 8.37 25.68 35.65
C ASN A 388 7.94 26.35 36.89
N GLN A 389 8.92 26.89 37.62
CA GLN A 389 8.61 27.50 38.86
C GLN A 389 8.23 28.89 38.49
N LYS A 390 7.14 29.40 39.08
CA LYS A 390 6.79 30.75 38.81
C LYS A 390 6.66 31.45 40.13
N LEU A 391 7.01 32.74 40.15
CA LEU A 391 6.81 33.48 41.33
C LEU A 391 5.55 34.30 41.13
N MET B 1 -18.33 -1.32 -11.62
CA MET B 1 -19.09 -0.33 -10.81
C MET B 1 -18.15 0.55 -10.07
N ARG B 2 -18.33 0.64 -8.74
CA ARG B 2 -17.47 1.45 -7.93
C ARG B 2 -17.49 2.83 -8.51
N GLU B 3 -18.68 3.31 -8.87
CA GLU B 3 -18.76 4.57 -9.54
C GLU B 3 -18.35 5.63 -8.57
N ILE B 4 -17.84 6.74 -9.11
CA ILE B 4 -17.47 7.85 -8.28
C ILE B 4 -18.39 8.94 -8.67
N VAL B 5 -18.80 9.77 -7.69
CA VAL B 5 -19.67 10.85 -8.01
C VAL B 5 -18.83 11.94 -8.58
N HIS B 6 -19.32 12.60 -9.63
CA HIS B 6 -18.59 13.71 -10.17
C HIS B 6 -19.26 14.93 -9.67
N ILE B 7 -18.46 15.93 -9.27
CA ILE B 7 -19.04 17.13 -8.76
C ILE B 7 -18.50 18.28 -9.54
N GLN B 8 -19.38 19.21 -9.94
CA GLN B 8 -18.90 20.43 -10.49
C GLN B 8 -19.39 21.51 -9.59
N ALA B 9 -18.52 22.46 -9.23
CA ALA B 9 -18.94 23.47 -8.32
C ALA B 9 -17.95 24.58 -8.42
N GLY B 10 -18.32 25.77 -7.90
CA GLY B 10 -17.41 26.89 -7.94
C GLY B 10 -17.66 27.56 -9.24
N GLN B 11 -17.67 28.67 -9.97
CA GLN B 11 -18.19 28.89 -11.33
C GLN B 11 -17.33 28.21 -12.37
N CYS B 12 -16.08 28.07 -11.97
CA CYS B 12 -14.91 27.69 -12.67
C CYS B 12 -15.23 26.34 -13.10
N GLY B 13 -15.43 25.49 -12.07
CA GLY B 13 -15.79 24.11 -12.06
C GLY B 13 -17.18 24.04 -12.57
N ASN B 14 -17.94 25.14 -12.37
CA ASN B 14 -19.24 25.14 -12.95
C ASN B 14 -19.00 24.93 -14.40
N GLN B 15 -18.00 25.63 -14.97
CA GLN B 15 -17.59 25.15 -16.24
C GLN B 15 -16.90 23.83 -16.07
N ILE B 16 -15.86 23.79 -15.20
CA ILE B 16 -14.79 22.91 -15.53
C ILE B 16 -15.27 21.51 -15.30
N GLY B 17 -15.92 21.30 -14.13
CA GLY B 17 -16.39 19.98 -13.80
C GLY B 17 -17.37 19.59 -14.85
N ALA B 18 -18.22 20.55 -15.26
CA ALA B 18 -19.24 20.23 -16.21
C ALA B 18 -18.55 19.75 -17.45
N LYS B 19 -17.45 20.43 -17.81
CA LYS B 19 -16.77 20.09 -19.02
C LYS B 19 -16.31 18.69 -18.89
N PHE B 20 -15.75 18.36 -17.71
CA PHE B 20 -15.18 17.06 -17.50
C PHE B 20 -16.26 16.05 -17.66
N TRP B 21 -17.40 16.27 -17.00
CA TRP B 21 -18.39 15.25 -17.04
C TRP B 21 -18.83 15.10 -18.45
N GLU B 22 -19.09 16.24 -19.12
CA GLU B 22 -19.65 16.19 -20.43
C GLU B 22 -18.67 15.51 -21.33
N VAL B 23 -17.38 15.89 -21.22
CA VAL B 23 -16.44 15.31 -22.13
C VAL B 23 -16.42 13.85 -21.85
N ILE B 24 -16.48 13.47 -20.56
CA ILE B 24 -16.44 12.09 -20.21
C ILE B 24 -17.62 11.46 -20.87
N SER B 25 -18.77 12.14 -20.83
CA SER B 25 -19.96 11.61 -21.43
C SER B 25 -19.64 11.39 -22.86
N ASP B 26 -18.89 12.35 -23.45
CA ASP B 26 -18.54 12.24 -24.83
C ASP B 26 -17.72 10.99 -24.97
N GLU B 27 -16.86 10.75 -23.96
CA GLU B 27 -16.00 9.60 -23.95
C GLU B 27 -16.90 8.42 -23.95
N HIS B 28 -18.05 8.56 -23.26
CA HIS B 28 -18.98 7.48 -23.21
C HIS B 28 -19.38 7.18 -24.62
N GLY B 29 -19.68 8.24 -25.40
CA GLY B 29 -20.08 7.99 -26.75
C GLY B 29 -21.49 7.54 -26.69
N ILE B 30 -22.10 7.65 -25.49
CA ILE B 30 -23.48 7.31 -25.36
C ILE B 30 -24.23 8.43 -25.97
N ASP B 31 -25.28 8.11 -26.75
CA ASP B 31 -25.99 9.15 -27.44
C ASP B 31 -26.68 9.97 -26.41
N PRO B 32 -27.12 11.12 -26.81
CA PRO B 32 -27.64 12.11 -25.90
C PRO B 32 -28.85 11.55 -25.26
N THR B 33 -29.40 10.48 -25.84
CA THR B 33 -30.55 9.82 -25.28
C THR B 33 -30.13 9.35 -23.93
N GLY B 34 -28.87 8.89 -23.81
CA GLY B 34 -28.45 8.29 -22.59
C GLY B 34 -28.42 6.83 -22.85
N SER B 35 -28.97 6.41 -23.99
CA SER B 35 -28.73 5.08 -24.43
C SER B 35 -27.31 5.07 -24.87
N TYR B 36 -26.78 3.90 -25.25
CA TYR B 36 -25.40 3.87 -25.61
C TYR B 36 -25.33 3.84 -27.09
N HIS B 37 -24.88 4.96 -27.67
CA HIS B 37 -24.68 5.00 -29.08
C HIS B 37 -23.61 4.01 -29.38
N GLY B 38 -22.55 4.01 -28.55
CA GLY B 38 -21.35 3.32 -28.91
C GLY B 38 -21.67 1.87 -29.04
N ASP B 39 -21.13 1.24 -30.09
CA ASP B 39 -21.30 -0.17 -30.29
C ASP B 39 -20.57 -0.86 -29.19
N SER B 40 -19.40 -0.31 -28.82
CA SER B 40 -18.47 -1.07 -28.04
C SER B 40 -19.12 -1.46 -26.76
N ASP B 41 -19.08 -2.77 -26.49
CA ASP B 41 -19.59 -3.29 -25.26
C ASP B 41 -18.71 -2.79 -24.17
N LEU B 42 -17.39 -2.81 -24.41
CA LEU B 42 -16.47 -2.61 -23.33
C LEU B 42 -16.73 -1.26 -22.77
N GLN B 43 -16.80 -0.26 -23.66
CA GLN B 43 -17.04 1.07 -23.19
C GLN B 43 -18.40 1.05 -22.57
N LEU B 44 -19.33 0.32 -23.20
CA LEU B 44 -20.69 0.42 -22.78
C LEU B 44 -20.81 -0.04 -21.36
N GLU B 45 -20.17 -1.17 -21.02
CA GLU B 45 -20.33 -1.68 -19.69
C GLU B 45 -19.69 -0.70 -18.74
N ARG B 46 -18.46 -0.27 -19.06
CA ARG B 46 -17.74 0.54 -18.12
C ARG B 46 -18.50 1.81 -17.93
N ILE B 47 -18.97 2.40 -19.04
CA ILE B 47 -19.68 3.63 -18.89
C ILE B 47 -20.91 3.29 -18.10
N ASN B 48 -21.52 2.15 -18.45
CA ASN B 48 -22.81 1.81 -17.95
C ASN B 48 -22.72 1.67 -16.47
N VAL B 49 -21.62 1.08 -15.97
CA VAL B 49 -21.52 0.98 -14.54
C VAL B 49 -21.50 2.37 -14.03
N TYR B 50 -20.77 3.25 -14.73
CA TYR B 50 -20.59 4.58 -14.26
C TYR B 50 -21.92 5.24 -14.19
N TYR B 51 -22.75 5.06 -15.24
CA TYR B 51 -23.95 5.83 -15.34
C TYR B 51 -25.11 4.92 -15.14
N ASN B 52 -25.96 5.22 -14.14
CA ASN B 52 -27.04 4.36 -13.85
C ASN B 52 -27.91 4.36 -15.06
N GLU B 53 -28.58 3.23 -15.34
CA GLU B 53 -29.31 3.20 -16.57
C GLU B 53 -30.70 3.63 -16.29
N ALA B 54 -31.13 4.71 -16.96
CA ALA B 54 -32.51 5.07 -16.92
C ALA B 54 -33.18 4.14 -17.86
N ALA B 55 -34.52 4.08 -17.78
CA ALA B 55 -35.23 3.28 -18.73
C ALA B 55 -34.95 3.89 -20.05
N GLY B 56 -34.90 3.05 -21.10
CA GLY B 56 -34.42 3.55 -22.35
C GLY B 56 -32.94 3.47 -22.27
N ASN B 57 -32.45 2.81 -21.20
CA ASN B 57 -31.05 2.55 -21.07
C ASN B 57 -30.34 3.85 -21.16
N LYS B 58 -30.91 4.90 -20.54
CA LYS B 58 -30.26 6.16 -20.49
C LYS B 58 -29.15 6.05 -19.50
N TYR B 59 -28.15 6.94 -19.60
CA TYR B 59 -27.05 6.85 -18.70
C TYR B 59 -27.21 8.01 -17.79
N VAL B 60 -27.23 7.75 -16.48
CA VAL B 60 -27.40 8.83 -15.56
C VAL B 60 -26.04 9.19 -15.11
N PRO B 61 -25.66 10.39 -15.44
CA PRO B 61 -24.33 10.82 -15.20
C PRO B 61 -24.16 10.95 -13.71
N ARG B 62 -22.95 10.67 -13.20
CA ARG B 62 -22.78 10.82 -11.79
C ARG B 62 -22.26 12.19 -11.57
N ALA B 63 -23.18 13.15 -11.31
CA ALA B 63 -22.69 14.50 -11.16
C ALA B 63 -23.71 15.27 -10.40
N ILE B 64 -23.27 16.37 -9.78
CA ILE B 64 -24.18 17.27 -9.16
C ILE B 64 -23.89 18.62 -9.73
N LEU B 65 -24.95 19.41 -9.94
CA LEU B 65 -24.73 20.73 -10.46
C LEU B 65 -24.76 21.65 -9.31
N VAL B 66 -23.67 22.43 -9.14
CA VAL B 66 -23.65 23.42 -8.10
C VAL B 66 -23.56 24.73 -8.79
N ASP B 67 -24.34 25.71 -8.32
CA ASP B 67 -24.34 26.98 -8.97
C ASP B 67 -23.77 27.97 -8.02
N LEU B 68 -22.73 28.62 -8.46
CA LEU B 68 -22.61 29.84 -7.73
C LEU B 68 -23.90 30.59 -7.80
N GLU B 69 -24.47 30.77 -8.98
CA GLU B 69 -25.80 31.27 -9.10
C GLU B 69 -26.51 30.39 -10.05
N PRO B 70 -27.80 30.35 -9.90
CA PRO B 70 -28.60 29.32 -10.49
C PRO B 70 -28.45 29.37 -11.97
N GLY B 71 -28.09 30.54 -12.52
CA GLY B 71 -28.01 30.69 -13.94
C GLY B 71 -26.95 29.76 -14.43
N THR B 72 -25.88 29.61 -13.64
CA THR B 72 -24.72 28.91 -14.10
C THR B 72 -25.14 27.53 -14.48
N MET B 73 -25.92 26.87 -13.60
CA MET B 73 -26.35 25.54 -13.93
C MET B 73 -27.17 25.65 -15.16
N ASP B 74 -27.99 26.72 -15.27
CA ASP B 74 -28.92 26.83 -16.35
C ASP B 74 -28.13 26.80 -17.60
N SER B 75 -27.01 27.53 -17.62
CA SER B 75 -26.21 27.56 -18.80
C SER B 75 -25.79 26.15 -19.07
N VAL B 76 -25.44 25.43 -17.99
CA VAL B 76 -24.96 24.10 -18.18
C VAL B 76 -26.05 23.31 -18.82
N ARG B 77 -27.27 23.38 -18.24
CA ARG B 77 -28.33 22.55 -18.70
C ARG B 77 -28.62 22.93 -20.11
N SER B 78 -28.65 24.24 -20.39
CA SER B 78 -28.94 24.69 -21.71
C SER B 78 -27.84 24.15 -22.55
N GLY B 79 -26.66 23.95 -21.94
CA GLY B 79 -25.55 23.42 -22.66
C GLY B 79 -25.85 21.98 -22.92
N PRO B 80 -25.03 21.40 -23.73
CA PRO B 80 -25.38 20.18 -24.39
C PRO B 80 -25.53 19.08 -23.41
N PHE B 81 -26.25 18.02 -23.79
CA PHE B 81 -26.40 16.87 -22.94
C PHE B 81 -26.99 17.32 -21.64
N GLY B 82 -27.85 18.35 -21.69
CA GLY B 82 -28.63 18.66 -20.53
C GLY B 82 -29.51 17.47 -20.30
N GLN B 83 -29.99 16.89 -21.40
CA GLN B 83 -30.99 15.87 -21.34
C GLN B 83 -30.42 14.70 -20.60
N ILE B 84 -29.12 14.39 -20.83
CA ILE B 84 -28.61 13.15 -20.34
C ILE B 84 -28.72 13.14 -18.85
N PHE B 85 -28.35 14.25 -18.19
CA PHE B 85 -28.56 14.31 -16.78
C PHE B 85 -30.03 14.48 -16.59
N ARG B 86 -30.63 13.72 -15.66
CA ARG B 86 -31.99 14.00 -15.31
C ARG B 86 -31.92 15.16 -14.37
N PRO B 87 -32.82 16.10 -14.50
CA PRO B 87 -32.73 17.33 -13.78
C PRO B 87 -32.81 17.02 -12.33
N ASP B 88 -33.43 15.86 -12.01
CA ASP B 88 -33.67 15.47 -10.65
C ASP B 88 -32.34 15.29 -10.00
N ASN B 89 -31.38 14.74 -10.75
CA ASN B 89 -30.16 14.29 -10.17
C ASN B 89 -29.48 15.45 -9.53
N PHE B 90 -29.41 16.61 -10.23
CA PHE B 90 -28.67 17.69 -9.68
C PHE B 90 -29.61 18.63 -9.00
N VAL B 91 -29.07 19.33 -7.98
CA VAL B 91 -29.68 20.53 -7.53
C VAL B 91 -28.55 21.40 -7.10
N PHE B 92 -28.75 22.73 -7.15
CA PHE B 92 -27.68 23.61 -6.79
C PHE B 92 -28.26 24.69 -5.94
N GLY B 93 -27.45 25.22 -5.02
CA GLY B 93 -27.90 26.38 -4.28
C GLY B 93 -27.81 27.56 -5.20
N GLN B 94 -28.78 28.48 -5.10
CA GLN B 94 -28.72 29.69 -5.85
C GLN B 94 -27.56 30.47 -5.33
N SER B 95 -27.41 30.51 -4.00
CA SER B 95 -26.53 31.45 -3.40
C SER B 95 -25.14 31.19 -3.89
N GLY B 96 -24.68 29.94 -3.73
CA GLY B 96 -23.33 29.65 -4.10
C GLY B 96 -22.46 30.18 -3.02
N ALA B 97 -21.14 30.04 -3.17
CA ALA B 97 -20.21 30.56 -2.20
C ALA B 97 -20.35 32.05 -2.20
N GLY B 98 -20.52 32.64 -3.39
CA GLY B 98 -20.48 34.06 -3.49
C GLY B 98 -19.04 34.43 -3.62
N ASN B 99 -17.92 33.80 -3.83
CA ASN B 99 -16.62 34.49 -3.91
C ASN B 99 -16.12 34.46 -2.61
N ASN B 100 -16.89 33.69 -1.81
CA ASN B 100 -16.20 33.77 -0.57
C ASN B 100 -16.09 32.37 -0.07
N TRP B 101 -14.85 31.95 0.26
CA TRP B 101 -14.70 30.61 0.74
C TRP B 101 -15.49 30.52 2.01
N ALA B 102 -15.24 31.43 2.98
CA ALA B 102 -15.90 31.33 4.24
C ALA B 102 -17.34 31.65 4.07
N LYS B 103 -17.63 32.78 3.38
CA LYS B 103 -18.98 33.26 3.35
C LYS B 103 -19.78 32.24 2.63
N GLY B 104 -19.23 31.76 1.51
CA GLY B 104 -19.90 30.75 0.76
C GLY B 104 -20.00 29.58 1.66
N HIS B 105 -18.93 29.33 2.44
CA HIS B 105 -18.85 28.12 3.19
C HIS B 105 -20.02 28.09 4.11
N TYR B 106 -20.22 29.17 4.90
CA TYR B 106 -21.24 29.13 5.89
C TYR B 106 -22.58 29.03 5.22
N THR B 107 -22.83 29.91 4.23
CA THR B 107 -24.13 30.03 3.63
C THR B 107 -24.46 28.75 2.93
N GLU B 108 -23.48 28.21 2.18
CA GLU B 108 -23.71 27.15 1.24
C GLU B 108 -24.17 25.95 1.99
N GLY B 109 -23.62 25.73 3.19
CA GLY B 109 -23.65 24.44 3.81
C GLY B 109 -25.07 24.02 3.98
N ALA B 110 -25.94 24.97 4.36
CA ALA B 110 -27.29 24.57 4.65
C ALA B 110 -27.87 24.00 3.40
N GLU B 111 -27.64 24.67 2.27
CA GLU B 111 -28.15 24.19 1.02
C GLU B 111 -27.45 22.90 0.74
N LEU B 112 -26.14 22.86 1.07
CA LEU B 112 -25.29 21.80 0.62
C LEU B 112 -25.81 20.52 1.16
N VAL B 113 -26.20 20.51 2.44
CA VAL B 113 -26.55 19.28 3.07
C VAL B 113 -27.72 18.71 2.34
N ASP B 114 -28.71 19.56 2.04
CA ASP B 114 -29.92 19.04 1.47
C ASP B 114 -29.56 18.39 0.17
N SER B 115 -28.81 19.11 -0.68
CA SER B 115 -28.52 18.60 -1.98
C SER B 115 -27.70 17.37 -1.83
N VAL B 116 -26.67 17.43 -0.96
CA VAL B 116 -25.73 16.36 -0.92
C VAL B 116 -26.44 15.12 -0.49
N LEU B 117 -27.32 15.25 0.50
CA LEU B 117 -27.87 14.07 1.10
C LEU B 117 -28.63 13.32 0.07
N ASP B 118 -29.47 14.02 -0.71
CA ASP B 118 -30.31 13.29 -1.59
C ASP B 118 -29.45 12.56 -2.57
N VAL B 119 -28.51 13.28 -3.21
CA VAL B 119 -27.75 12.66 -4.25
C VAL B 119 -26.96 11.56 -3.64
N VAL B 120 -26.33 11.85 -2.49
CA VAL B 120 -25.41 10.92 -1.91
C VAL B 120 -26.17 9.69 -1.59
N ARG B 121 -27.41 9.84 -1.10
CA ARG B 121 -28.16 8.66 -0.77
C ARG B 121 -28.31 7.88 -2.03
N LYS B 122 -28.68 8.55 -3.13
CA LYS B 122 -28.94 7.82 -4.33
C LYS B 122 -27.68 7.14 -4.73
N GLU B 123 -26.58 7.89 -4.69
CA GLU B 123 -25.36 7.37 -5.21
C GLU B 123 -24.97 6.20 -4.37
N SER B 124 -25.15 6.33 -3.03
CA SER B 124 -24.73 5.30 -2.15
C SER B 124 -25.48 4.08 -2.54
N GLU B 125 -26.77 4.25 -2.82
CA GLU B 125 -27.60 3.16 -3.22
C GLU B 125 -27.05 2.65 -4.51
N SER B 126 -26.62 3.59 -5.39
CA SER B 126 -26.38 3.27 -6.77
C SER B 126 -25.40 2.15 -6.85
N CYS B 127 -24.18 2.33 -6.30
CA CYS B 127 -23.23 1.27 -6.46
C CYS B 127 -23.00 0.66 -5.12
N ASP B 128 -22.50 -0.58 -5.10
CA ASP B 128 -22.29 -1.23 -3.85
C ASP B 128 -21.30 -0.40 -3.10
N CYS B 129 -20.20 -0.01 -3.77
CA CYS B 129 -19.26 0.88 -3.15
C CYS B 129 -18.78 1.81 -4.20
N LEU B 130 -18.46 3.06 -3.81
CA LEU B 130 -17.88 3.95 -4.75
C LEU B 130 -16.42 3.93 -4.48
N GLN B 131 -15.60 4.09 -5.52
CA GLN B 131 -14.19 4.14 -5.24
C GLN B 131 -13.98 5.35 -4.41
N GLY B 132 -14.63 6.46 -4.80
CA GLY B 132 -14.43 7.69 -4.11
C GLY B 132 -15.23 8.71 -4.84
N PHE B 133 -14.96 10.00 -4.59
CA PHE B 133 -15.70 11.02 -5.27
C PHE B 133 -14.70 11.94 -5.89
N GLN B 134 -15.12 12.65 -6.95
CA GLN B 134 -14.25 13.62 -7.56
C GLN B 134 -14.94 14.93 -7.43
N LEU B 135 -14.17 15.99 -7.13
CA LEU B 135 -14.77 17.29 -7.01
C LEU B 135 -14.16 18.15 -8.06
N THR B 136 -14.99 18.97 -8.72
CA THR B 136 -14.45 19.95 -9.61
C THR B 136 -14.90 21.28 -9.11
N HIS B 137 -13.93 22.20 -8.90
CA HIS B 137 -14.31 23.53 -8.57
C HIS B 137 -13.06 24.33 -8.64
N SER B 138 -13.18 25.66 -8.50
CA SER B 138 -11.98 26.43 -8.43
C SER B 138 -11.85 26.89 -7.02
N LEU B 139 -10.77 26.44 -6.35
CA LEU B 139 -10.49 26.88 -5.02
C LEU B 139 -10.17 28.33 -5.10
N GLY B 140 -9.38 28.71 -6.13
CA GLY B 140 -8.89 30.05 -6.18
C GLY B 140 -10.05 30.96 -6.22
N GLY B 141 -11.08 30.59 -7.02
CA GLY B 141 -12.23 31.42 -7.01
C GLY B 141 -12.98 31.17 -5.76
N GLY B 142 -13.82 32.13 -5.36
CA GLY B 142 -14.37 32.11 -4.05
C GLY B 142 -15.24 30.90 -3.87
N THR B 143 -16.11 30.57 -4.83
CA THR B 143 -17.06 29.52 -4.56
C THR B 143 -16.46 28.17 -4.49
N GLY B 144 -15.52 27.83 -5.40
CA GLY B 144 -15.00 26.50 -5.42
C GLY B 144 -14.48 26.35 -4.05
N SER B 145 -13.85 27.42 -3.60
CA SER B 145 -13.25 27.20 -2.32
C SER B 145 -14.34 27.15 -1.29
N GLY B 146 -15.27 28.12 -1.36
CA GLY B 146 -16.18 28.28 -0.28
C GLY B 146 -17.00 27.04 -0.16
N MET B 147 -17.51 26.53 -1.29
CA MET B 147 -18.35 25.38 -1.21
C MET B 147 -17.51 24.25 -0.70
N GLY B 148 -16.28 24.15 -1.23
CA GLY B 148 -15.50 22.97 -1.05
C GLY B 148 -15.26 22.81 0.41
N THR B 149 -14.97 23.91 1.10
CA THR B 149 -14.56 23.81 2.46
C THR B 149 -15.66 23.15 3.22
N LEU B 150 -16.89 23.68 3.06
CA LEU B 150 -17.96 23.13 3.84
C LEU B 150 -18.17 21.72 3.42
N LEU B 151 -18.22 21.48 2.10
CA LEU B 151 -18.65 20.22 1.58
C LEU B 151 -17.68 19.17 1.98
N ILE B 152 -16.37 19.49 1.88
CA ILE B 152 -15.38 18.46 1.90
C ILE B 152 -15.45 17.76 3.21
N SER B 153 -15.54 18.52 4.31
CA SER B 153 -15.42 17.92 5.60
C SER B 153 -16.49 16.91 5.75
N LYS B 154 -17.76 17.31 5.54
CA LYS B 154 -18.83 16.40 5.78
C LYS B 154 -18.70 15.28 4.83
N ILE B 155 -18.46 15.60 3.55
CA ILE B 155 -18.54 14.59 2.53
C ILE B 155 -17.51 13.56 2.84
N ARG B 156 -16.29 14.01 3.14
CA ARG B 156 -15.26 13.08 3.47
C ARG B 156 -15.73 12.39 4.70
N GLU B 157 -16.34 13.16 5.61
CA GLU B 157 -16.65 12.68 6.92
C GLU B 157 -17.56 11.51 6.75
N GLU B 158 -18.46 11.57 5.77
CA GLU B 158 -19.50 10.60 5.70
C GLU B 158 -18.89 9.25 5.57
N TYR B 159 -17.97 9.07 4.61
CA TYR B 159 -17.30 7.82 4.59
C TYR B 159 -15.85 8.11 4.74
N PRO B 160 -15.32 7.79 5.89
CA PRO B 160 -13.91 7.71 6.08
C PRO B 160 -13.41 6.63 5.20
N ASP B 161 -14.27 5.64 4.91
CA ASP B 161 -13.90 4.49 4.15
C ASP B 161 -13.57 4.95 2.76
N ARG B 162 -14.39 5.85 2.22
CA ARG B 162 -14.24 6.22 0.84
C ARG B 162 -12.99 7.01 0.70
N ILE B 163 -12.32 6.88 -0.46
CA ILE B 163 -11.16 7.70 -0.71
C ILE B 163 -11.55 8.68 -1.76
N MET B 164 -11.31 9.97 -1.49
CA MET B 164 -11.77 10.98 -2.39
C MET B 164 -10.61 11.77 -2.86
N ASN B 165 -10.68 12.22 -4.11
CA ASN B 165 -9.72 13.12 -4.67
C ASN B 165 -10.46 14.37 -5.01
N THR B 166 -9.79 15.53 -4.87
CA THR B 166 -10.48 16.75 -5.16
C THR B 166 -9.75 17.42 -6.26
N PHE B 167 -10.49 18.16 -7.10
CA PHE B 167 -9.86 18.96 -8.11
C PHE B 167 -10.29 20.37 -7.87
N SER B 168 -9.32 21.29 -7.91
CA SER B 168 -9.63 22.67 -7.88
C SER B 168 -8.60 23.35 -8.69
N VAL B 169 -8.96 24.48 -9.32
CA VAL B 169 -7.90 25.18 -9.97
C VAL B 169 -7.25 26.00 -8.90
N VAL B 170 -5.90 26.00 -8.87
CA VAL B 170 -5.26 26.91 -7.97
C VAL B 170 -5.11 28.19 -8.70
N PRO B 171 -5.20 29.25 -8.00
CA PRO B 171 -5.14 30.60 -8.56
C PRO B 171 -3.77 30.75 -9.16
N SER B 172 -3.65 31.48 -10.27
CA SER B 172 -2.36 31.70 -10.80
C SER B 172 -1.65 32.67 -9.91
N PRO B 173 -0.49 32.29 -9.50
CA PRO B 173 0.36 33.12 -8.67
C PRO B 173 0.77 34.30 -9.49
N LYS B 174 0.74 34.17 -10.84
CA LYS B 174 1.25 35.23 -11.64
C LYS B 174 0.43 36.43 -11.42
N VAL B 175 -0.91 36.25 -11.51
CA VAL B 175 -1.79 37.38 -11.29
C VAL B 175 -3.03 36.84 -10.67
N SER B 176 -3.74 37.68 -9.91
CA SER B 176 -5.03 37.32 -9.44
C SER B 176 -5.95 38.45 -9.82
N ASP B 177 -7.23 38.15 -10.04
CA ASP B 177 -8.12 39.20 -10.35
C ASP B 177 -8.13 40.11 -9.19
N THR B 178 -8.23 39.53 -7.99
CA THR B 178 -8.16 40.30 -6.77
C THR B 178 -7.23 39.56 -5.86
N VAL B 179 -6.65 40.29 -4.90
CA VAL B 179 -5.83 39.68 -3.89
C VAL B 179 -6.73 38.79 -3.09
N VAL B 180 -7.94 39.28 -2.84
CA VAL B 180 -8.87 38.62 -1.95
C VAL B 180 -9.20 37.29 -2.55
N GLU B 181 -9.25 37.20 -3.89
CA GLU B 181 -9.76 36.00 -4.49
C GLU B 181 -8.96 34.81 -4.03
N PRO B 182 -7.66 34.80 -4.14
CA PRO B 182 -6.89 33.67 -3.72
C PRO B 182 -7.08 33.51 -2.25
N TYR B 183 -7.44 34.60 -1.56
CA TYR B 183 -7.54 34.59 -0.13
C TYR B 183 -8.60 33.62 0.23
N ASN B 184 -9.74 33.69 -0.49
CA ASN B 184 -10.82 32.80 -0.18
C ASN B 184 -10.32 31.42 -0.41
N ALA B 185 -9.55 31.24 -1.50
CA ALA B 185 -9.09 29.93 -1.83
C ALA B 185 -8.19 29.43 -0.74
N THR B 186 -7.28 30.29 -0.24
CA THR B 186 -6.20 29.78 0.56
C THR B 186 -6.76 29.14 1.79
N LEU B 187 -7.71 29.80 2.45
CA LEU B 187 -8.22 29.24 3.67
C LEU B 187 -8.88 27.96 3.31
N SER B 188 -9.64 27.96 2.21
CA SER B 188 -10.37 26.78 1.84
C SER B 188 -9.37 25.69 1.65
N VAL B 189 -8.35 25.94 0.82
CA VAL B 189 -7.46 24.87 0.45
C VAL B 189 -6.79 24.39 1.68
N HIS B 190 -6.34 25.32 2.55
CA HIS B 190 -5.53 24.93 3.66
C HIS B 190 -6.32 23.98 4.49
N GLN B 191 -7.59 24.33 4.77
CA GLN B 191 -8.43 23.47 5.52
C GLN B 191 -8.59 22.22 4.72
N LEU B 192 -8.74 22.40 3.40
CA LEU B 192 -9.13 21.32 2.54
C LEU B 192 -8.09 20.25 2.59
N VAL B 193 -6.80 20.64 2.55
CA VAL B 193 -5.75 19.72 2.22
C VAL B 193 -5.77 18.58 3.19
N GLU B 194 -5.83 18.90 4.50
CA GLU B 194 -5.82 17.84 5.46
C GLU B 194 -7.06 17.05 5.25
N ASN B 195 -8.17 17.77 4.99
CA ASN B 195 -9.45 17.14 4.95
C ASN B 195 -9.45 16.11 3.87
N THR B 196 -8.91 16.47 2.68
CA THR B 196 -9.09 15.59 1.57
C THR B 196 -7.85 14.78 1.43
N ASP B 197 -8.04 13.47 1.19
CA ASP B 197 -6.91 12.60 1.06
C ASP B 197 -6.12 13.07 -0.10
N GLU B 198 -6.78 13.26 -1.26
CA GLU B 198 -6.03 13.59 -2.42
C GLU B 198 -6.54 14.88 -2.95
N THR B 199 -5.61 15.76 -3.36
CA THR B 199 -6.01 16.93 -4.08
C THR B 199 -5.24 16.93 -5.36
N TYR B 200 -5.92 17.34 -6.47
CA TYR B 200 -5.22 17.52 -7.70
C TYR B 200 -5.40 18.93 -8.10
N CYS B 201 -4.28 19.65 -8.35
CA CYS B 201 -4.39 21.03 -8.68
C CYS B 201 -3.39 21.33 -9.75
N ILE B 202 -3.76 22.27 -10.65
CA ILE B 202 -2.82 22.81 -11.58
C ILE B 202 -2.92 24.29 -11.48
N ASP B 203 -1.77 25.00 -11.55
CA ASP B 203 -1.87 26.43 -11.46
C ASP B 203 -2.53 26.90 -12.71
N ASN B 204 -3.41 27.92 -12.57
CA ASN B 204 -4.15 28.39 -13.70
C ASN B 204 -3.17 28.98 -14.67
N GLU B 205 -2.22 29.77 -14.15
CA GLU B 205 -1.40 30.54 -15.01
C GLU B 205 -0.66 29.60 -15.91
N ALA B 206 -0.01 28.58 -15.34
CA ALA B 206 0.85 27.75 -16.14
C ALA B 206 0.01 27.09 -17.18
N LEU B 207 -1.19 26.62 -16.77
CA LEU B 207 -1.98 25.89 -17.70
C LEU B 207 -2.30 26.82 -18.82
N TYR B 208 -2.65 28.07 -18.48
CA TYR B 208 -3.03 28.98 -19.50
C TYR B 208 -1.84 29.22 -20.36
N ASP B 209 -0.67 29.44 -19.74
CA ASP B 209 0.48 29.78 -20.52
C ASP B 209 0.78 28.65 -21.44
N ILE B 210 0.81 27.43 -20.87
CA ILE B 210 1.21 26.30 -21.65
C ILE B 210 0.19 26.12 -22.72
N CYS B 211 -1.09 26.18 -22.32
CA CYS B 211 -2.14 25.88 -23.24
C CYS B 211 -2.07 26.87 -24.34
N PHE B 212 -1.93 28.15 -23.96
CA PHE B 212 -1.93 29.21 -24.90
C PHE B 212 -0.75 29.04 -25.79
N ARG B 213 0.43 28.82 -25.18
CA ARG B 213 1.63 28.83 -25.96
C ARG B 213 1.53 27.69 -26.91
N THR B 214 1.14 26.52 -26.38
CA THR B 214 1.10 25.34 -27.18
C THR B 214 0.10 25.62 -28.26
N LEU B 215 -1.02 26.24 -27.88
CA LEU B 215 -2.07 26.45 -28.81
C LEU B 215 -1.55 27.33 -29.89
N LYS B 216 -0.75 28.35 -29.50
CA LYS B 216 -0.39 29.38 -30.41
C LYS B 216 -1.65 30.05 -30.82
N LEU B 217 -2.70 29.90 -29.99
CA LEU B 217 -3.93 30.60 -30.20
C LEU B 217 -3.74 31.92 -29.55
N THR B 218 -4.68 32.85 -29.79
CA THR B 218 -4.55 34.13 -29.15
C THR B 218 -4.53 33.87 -27.69
N THR B 219 -5.53 33.11 -27.20
CA THR B 219 -5.48 32.71 -25.82
C THR B 219 -6.05 31.34 -25.74
N PRO B 220 -5.72 30.65 -24.69
CA PRO B 220 -6.39 29.45 -24.32
C PRO B 220 -7.78 29.85 -24.01
N THR B 221 -8.77 29.00 -24.37
CA THR B 221 -10.12 29.25 -24.00
C THR B 221 -10.30 28.60 -22.67
N TYR B 222 -11.26 29.13 -21.87
CA TYR B 222 -11.46 28.53 -20.59
C TYR B 222 -11.92 27.14 -20.86
N GLY B 223 -12.91 26.99 -21.75
CA GLY B 223 -13.52 25.72 -21.96
C GLY B 223 -12.52 24.76 -22.46
N ASP B 224 -11.70 25.21 -23.42
CA ASP B 224 -10.81 24.29 -24.08
C ASP B 224 -9.91 23.75 -23.03
N LEU B 225 -9.33 24.62 -22.17
CA LEU B 225 -8.36 24.19 -21.21
C LEU B 225 -9.05 23.23 -20.31
N ASN B 226 -10.30 23.55 -19.94
CA ASN B 226 -11.03 22.68 -19.07
C ASN B 226 -11.14 21.37 -19.76
N HIS B 227 -11.39 21.42 -21.08
CA HIS B 227 -11.55 20.21 -21.82
C HIS B 227 -10.28 19.45 -21.71
N LEU B 228 -9.15 20.16 -21.82
CA LEU B 228 -7.89 19.48 -21.76
C LEU B 228 -7.81 18.82 -20.43
N VAL B 229 -8.16 19.56 -19.38
CA VAL B 229 -8.02 19.04 -18.05
C VAL B 229 -8.88 17.83 -17.94
N SER B 230 -10.13 17.94 -18.43
CA SER B 230 -11.07 16.88 -18.26
C SER B 230 -10.51 15.69 -18.96
N ALA B 231 -9.83 15.94 -20.10
CA ALA B 231 -9.27 14.87 -20.85
C ALA B 231 -8.29 14.17 -19.96
N THR B 232 -7.51 14.96 -19.22
CA THR B 232 -6.49 14.37 -18.39
C THR B 232 -7.17 13.45 -17.45
N MET B 233 -8.24 13.93 -16.79
CA MET B 233 -8.90 13.15 -15.80
C MET B 233 -9.45 11.93 -16.46
N SER B 234 -10.02 12.10 -17.66
CA SER B 234 -10.82 11.07 -18.25
C SER B 234 -9.98 9.86 -18.45
N GLY B 235 -8.71 10.07 -18.86
CA GLY B 235 -7.89 8.95 -19.18
C GLY B 235 -7.75 8.14 -17.94
N VAL B 236 -7.55 8.79 -16.79
CA VAL B 236 -7.32 8.05 -15.60
C VAL B 236 -8.52 7.20 -15.34
N THR B 237 -9.72 7.79 -15.43
CA THR B 237 -10.88 7.03 -15.12
C THR B 237 -10.98 5.93 -16.12
N THR B 238 -10.82 6.29 -17.41
CA THR B 238 -11.09 5.35 -18.44
C THR B 238 -10.15 4.19 -18.27
N CYS B 239 -8.85 4.49 -18.11
CA CYS B 239 -7.90 3.43 -18.10
C CYS B 239 -8.18 2.53 -16.94
N LEU B 240 -8.38 3.11 -15.74
CA LEU B 240 -8.51 2.28 -14.58
C LEU B 240 -9.74 1.44 -14.74
N ARG B 241 -10.85 2.08 -15.11
CA ARG B 241 -12.10 1.38 -15.18
C ARG B 241 -11.96 0.34 -16.23
N PHE B 242 -11.33 0.71 -17.35
CA PHE B 242 -11.23 -0.17 -18.47
C PHE B 242 -10.21 -1.19 -18.12
N PRO B 243 -10.28 -2.29 -18.80
CA PRO B 243 -9.33 -3.35 -18.64
C PRO B 243 -8.03 -2.80 -19.11
N GLY B 244 -6.91 -3.38 -18.64
CA GLY B 244 -5.63 -2.97 -19.13
C GLY B 244 -4.77 -4.18 -19.12
N GLN B 245 -3.77 -4.22 -20.01
CA GLN B 245 -2.89 -5.34 -19.99
C GLN B 245 -2.24 -5.29 -18.65
N LEU B 246 -1.77 -4.10 -18.28
CA LEU B 246 -1.41 -3.89 -16.92
C LEU B 246 -2.31 -2.81 -16.43
N ASN B 247 -3.13 -3.12 -15.41
CA ASN B 247 -3.93 -2.09 -14.84
C ASN B 247 -3.60 -2.07 -13.38
N ALA B 248 -3.53 -0.86 -12.80
CA ALA B 248 -3.23 -0.76 -11.42
C ALA B 248 -4.46 -0.26 -10.75
N ASP B 249 -4.75 -0.80 -9.54
CA ASP B 249 -5.93 -0.34 -8.87
C ASP B 249 -5.60 1.00 -8.32
N LEU B 250 -6.66 1.78 -8.08
CA LEU B 250 -6.45 3.10 -7.55
C LEU B 250 -5.83 2.95 -6.20
N ARG B 251 -6.38 2.05 -5.33
CA ARG B 251 -5.96 1.92 -3.93
C ARG B 251 -4.48 1.61 -3.84
N LYS B 252 -3.96 0.79 -4.75
CA LYS B 252 -2.52 0.54 -4.86
C LYS B 252 -1.76 1.68 -5.17
N LEU B 253 -2.17 2.09 -6.31
CA LEU B 253 -1.38 3.14 -6.85
C LEU B 253 -1.35 4.24 -5.85
N ALA B 254 -2.53 4.59 -5.29
CA ALA B 254 -2.61 5.74 -4.45
C ALA B 254 -1.74 5.52 -3.27
N VAL B 255 -1.86 4.33 -2.65
CA VAL B 255 -1.09 4.08 -1.48
C VAL B 255 0.34 4.13 -1.89
N ASN B 256 0.62 3.57 -3.07
CA ASN B 256 1.97 3.47 -3.54
C ASN B 256 2.52 4.85 -3.67
N MET B 257 1.69 5.79 -4.17
CA MET B 257 2.21 7.05 -4.59
C MET B 257 2.85 7.70 -3.42
N VAL B 258 2.18 7.69 -2.26
CA VAL B 258 2.84 8.20 -1.10
C VAL B 258 3.68 7.10 -0.57
N PRO B 259 5.02 7.51 -0.45
CA PRO B 259 6.08 6.82 0.28
C PRO B 259 5.65 6.64 1.71
N PHE B 260 4.44 7.11 2.07
CA PHE B 260 3.38 6.44 2.83
C PHE B 260 2.13 7.25 3.20
N PRO B 261 0.83 6.86 3.42
CA PRO B 261 -0.28 7.79 3.51
C PRO B 261 0.08 9.03 4.26
N ARG B 262 1.32 9.23 4.81
CA ARG B 262 1.42 10.53 5.42
C ARG B 262 1.41 11.56 4.34
N LEU B 263 2.12 11.29 3.23
CA LEU B 263 2.18 12.32 2.22
C LEU B 263 0.80 12.57 1.75
N HIS B 264 0.34 13.81 1.91
CA HIS B 264 -1.05 14.10 1.73
C HIS B 264 -1.43 13.90 0.29
N PHE B 265 -0.70 14.54 -0.63
CA PHE B 265 -1.24 14.54 -1.96
C PHE B 265 -0.11 14.55 -2.93
N PHE B 266 -0.44 14.27 -4.21
CA PHE B 266 0.54 14.34 -5.25
C PHE B 266 -0.05 15.23 -6.30
N MET B 267 0.80 15.85 -7.13
CA MET B 267 0.27 16.78 -8.06
C MET B 267 0.20 16.12 -9.39
N PRO B 268 -0.84 16.46 -10.10
CA PRO B 268 -1.21 15.76 -11.29
C PRO B 268 -0.19 16.04 -12.35
N GLY B 269 -0.09 15.13 -13.33
CA GLY B 269 0.71 15.42 -14.50
C GLY B 269 0.00 14.80 -15.64
N PHE B 270 0.17 15.36 -16.84
CA PHE B 270 -0.61 14.87 -17.94
C PHE B 270 0.33 14.48 -19.02
N ALA B 271 -0.05 13.45 -19.79
CA ALA B 271 0.70 13.09 -20.96
C ALA B 271 -0.28 12.64 -21.98
N PRO B 272 0.12 12.67 -23.21
CA PRO B 272 1.37 13.22 -23.65
C PRO B 272 1.29 14.69 -23.41
N LEU B 273 2.44 15.34 -23.14
CA LEU B 273 2.39 16.77 -23.08
C LEU B 273 3.02 17.25 -24.34
N THR B 274 2.30 18.10 -25.10
CA THR B 274 2.89 18.60 -26.29
C THR B 274 2.29 19.95 -26.55
N SER B 275 2.85 20.69 -27.52
CA SER B 275 2.30 21.97 -27.86
C SER B 275 1.06 21.71 -28.63
N ARG B 276 0.20 22.72 -28.83
CA ARG B 276 -1.01 22.43 -29.54
C ARG B 276 -0.63 22.00 -30.91
N GLY B 277 0.24 22.79 -31.58
CA GLY B 277 0.58 22.44 -32.92
C GLY B 277 1.32 21.15 -32.86
N SER B 278 2.27 21.09 -31.91
CA SER B 278 3.20 20.01 -31.87
C SER B 278 2.45 18.73 -31.69
N GLN B 279 1.62 18.67 -30.63
CA GLN B 279 0.98 17.44 -30.29
C GLN B 279 0.06 17.07 -31.40
N GLN B 280 -0.69 18.06 -31.91
CA GLN B 280 -1.73 17.71 -32.83
C GLN B 280 -1.11 17.13 -34.05
N TYR B 281 -0.09 17.81 -34.60
CA TYR B 281 0.52 17.38 -35.82
C TYR B 281 1.27 16.13 -35.53
N ARG B 282 2.02 16.14 -34.42
CA ARG B 282 2.99 15.11 -34.15
C ARG B 282 2.29 13.90 -33.63
N ALA B 283 2.90 12.73 -33.86
CA ALA B 283 2.43 11.50 -33.28
C ALA B 283 3.49 11.06 -32.33
N LEU B 284 3.08 10.42 -31.22
CA LEU B 284 4.03 10.08 -30.21
C LEU B 284 4.74 8.85 -30.65
N THR B 285 6.08 8.82 -30.51
CA THR B 285 6.75 7.57 -30.58
C THR B 285 6.64 7.01 -29.21
N VAL B 286 7.06 5.74 -29.03
CA VAL B 286 6.92 5.17 -27.73
C VAL B 286 7.70 6.01 -26.76
N PRO B 287 8.95 6.29 -27.01
CA PRO B 287 9.70 7.08 -26.09
C PRO B 287 9.13 8.46 -26.05
N GLU B 288 8.34 8.83 -27.08
CA GLU B 288 8.05 10.22 -27.26
C GLU B 288 7.30 10.71 -26.06
N LEU B 289 6.31 9.93 -25.61
CA LEU B 289 5.44 10.42 -24.60
C LEU B 289 6.25 10.69 -23.39
N THR B 290 7.19 9.78 -23.07
CA THR B 290 7.90 9.89 -21.85
C THR B 290 8.63 11.18 -21.86
N GLN B 291 9.28 11.50 -23.01
CA GLN B 291 10.17 12.60 -23.01
C GLN B 291 9.41 13.84 -22.70
N GLN B 292 8.22 13.98 -23.31
CA GLN B 292 7.47 15.18 -23.12
C GLN B 292 7.16 15.27 -21.68
N MET B 293 6.78 14.12 -21.09
CA MET B 293 6.35 14.13 -19.72
C MET B 293 7.51 14.59 -18.91
N PHE B 294 8.72 14.11 -19.26
CA PHE B 294 9.85 14.35 -18.43
C PHE B 294 10.06 15.81 -18.32
N ASP B 295 9.93 16.53 -19.44
CA ASP B 295 10.34 17.91 -19.43
C ASP B 295 9.38 18.68 -18.59
N ALA B 296 9.81 19.89 -18.21
CA ALA B 296 9.06 20.73 -17.32
C ALA B 296 7.76 21.02 -17.99
N LYS B 297 7.80 21.17 -19.34
CA LYS B 297 6.68 21.64 -20.07
C LYS B 297 5.54 20.71 -19.80
N ASN B 298 5.85 19.42 -19.61
CA ASN B 298 4.82 18.44 -19.50
C ASN B 298 3.92 18.81 -18.36
N MET B 299 4.50 19.23 -17.22
CA MET B 299 3.67 19.44 -16.06
C MET B 299 2.69 20.52 -16.38
N MET B 300 1.41 20.28 -16.03
CA MET B 300 0.40 21.26 -16.28
C MET B 300 0.76 22.47 -15.50
N ALA B 301 1.12 22.27 -14.21
CA ALA B 301 1.52 23.37 -13.39
C ALA B 301 2.87 23.77 -13.84
N ALA B 302 3.25 25.03 -13.60
CA ALA B 302 4.57 25.41 -14.03
C ALA B 302 5.48 25.07 -12.91
N CYS B 303 6.50 24.25 -13.19
CA CYS B 303 7.49 23.96 -12.20
C CYS B 303 8.74 23.63 -12.93
N ASP B 304 9.89 23.88 -12.30
CA ASP B 304 11.10 23.38 -12.87
C ASP B 304 11.30 22.04 -12.25
N PRO B 305 11.40 21.05 -13.08
CA PRO B 305 11.36 19.70 -12.64
C PRO B 305 12.51 19.45 -11.72
N ARG B 306 13.63 20.15 -11.91
CA ARG B 306 14.74 20.02 -11.01
C ARG B 306 14.29 20.58 -9.70
N HIS B 307 13.63 21.75 -9.75
CA HIS B 307 13.28 22.44 -8.56
C HIS B 307 12.37 21.56 -7.80
N GLY B 308 11.39 20.96 -8.50
CA GLY B 308 10.53 20.06 -7.82
C GLY B 308 11.32 18.80 -7.66
N ARG B 309 10.82 17.92 -6.79
CA ARG B 309 11.36 16.59 -6.74
C ARG B 309 10.19 15.69 -6.89
N TYR B 310 10.41 14.46 -7.40
CA TYR B 310 9.29 13.60 -7.56
C TYR B 310 9.38 12.58 -6.49
N LEU B 311 8.33 12.50 -5.65
CA LEU B 311 8.30 11.45 -4.68
C LEU B 311 8.25 10.20 -5.47
N THR B 312 7.30 10.15 -6.41
CA THR B 312 7.25 9.13 -7.41
C THR B 312 6.72 9.77 -8.64
N VAL B 313 6.95 9.15 -9.80
CA VAL B 313 6.22 9.55 -10.95
C VAL B 313 5.50 8.36 -11.43
N ALA B 314 4.23 8.52 -11.82
CA ALA B 314 3.53 7.41 -12.38
C ALA B 314 2.99 7.88 -13.68
N ALA B 315 3.00 6.98 -14.69
CA ALA B 315 2.35 7.32 -15.91
C ALA B 315 1.48 6.16 -16.23
N VAL B 316 0.29 6.44 -16.80
CA VAL B 316 -0.46 5.33 -17.28
C VAL B 316 -0.35 5.37 -18.76
N PHE B 317 0.26 4.32 -19.34
CA PHE B 317 0.22 4.25 -20.77
C PHE B 317 -1.14 3.75 -21.09
N ARG B 318 -1.66 4.14 -22.25
CA ARG B 318 -2.91 3.57 -22.66
C ARG B 318 -2.63 2.82 -23.91
N GLY B 319 -3.32 1.68 -24.08
CA GLY B 319 -3.02 0.83 -25.19
C GLY B 319 -1.85 0.00 -24.78
N ARG B 320 -1.40 -0.88 -25.69
CA ARG B 320 -0.31 -1.75 -25.38
C ARG B 320 0.97 -0.99 -25.55
N MET B 321 2.02 -1.44 -24.84
CA MET B 321 3.34 -0.95 -25.07
C MET B 321 4.21 -2.15 -25.24
N SER B 322 5.32 -2.00 -26.00
CA SER B 322 6.23 -3.10 -26.11
C SER B 322 6.95 -3.18 -24.80
N MET B 323 7.37 -4.40 -24.43
CA MET B 323 8.06 -4.55 -23.19
C MET B 323 9.32 -3.78 -23.31
N LYS B 324 9.89 -3.36 -24.35
CA LYS B 324 11.34 -2.90 -24.51
C LYS B 324 11.01 -1.50 -24.61
N GLU B 325 9.77 -1.27 -24.99
CA GLU B 325 9.42 0.11 -24.83
C GLU B 325 9.34 0.35 -23.36
N VAL B 326 8.81 -0.64 -22.63
CA VAL B 326 8.71 -0.50 -21.21
C VAL B 326 10.11 -0.27 -20.73
N ASP B 327 11.04 -1.08 -21.24
CA ASP B 327 12.38 -1.01 -20.76
C ASP B 327 12.93 0.35 -21.07
N GLU B 328 12.71 0.84 -22.30
CA GLU B 328 13.38 2.05 -22.67
C GLU B 328 12.90 3.14 -21.79
N GLN B 329 11.58 3.23 -21.59
CA GLN B 329 11.07 4.35 -20.87
C GLN B 329 11.62 4.31 -19.48
N MET B 330 11.58 3.12 -18.85
CA MET B 330 11.96 3.06 -17.47
C MET B 330 13.39 3.44 -17.38
N LEU B 331 14.20 2.94 -18.32
CA LEU B 331 15.61 3.09 -18.20
C LEU B 331 15.92 4.54 -18.21
N ASN B 332 15.26 5.30 -19.10
CA ASN B 332 15.64 6.64 -19.33
C ASN B 332 15.53 7.39 -18.05
N VAL B 333 14.45 7.12 -17.30
CA VAL B 333 14.14 7.93 -16.17
C VAL B 333 15.29 7.88 -15.23
N GLN B 334 15.78 6.66 -14.90
CA GLN B 334 16.79 6.54 -13.91
C GLN B 334 17.99 7.26 -14.40
N ASN B 335 18.30 7.06 -15.69
CA ASN B 335 19.51 7.58 -16.23
C ASN B 335 19.47 9.07 -16.11
N LYS B 336 18.29 9.66 -16.39
CA LYS B 336 18.25 11.06 -16.71
C LYS B 336 18.79 11.86 -15.58
N ASN B 337 18.28 11.64 -14.35
CA ASN B 337 18.88 12.36 -13.28
C ASN B 337 18.89 11.48 -12.07
N SER B 338 19.97 11.57 -11.30
CA SER B 338 20.04 10.87 -10.06
C SER B 338 18.99 11.45 -9.18
N SER B 339 19.02 12.79 -9.02
CA SER B 339 18.16 13.45 -8.08
C SER B 339 16.75 13.25 -8.51
N TYR B 340 16.52 13.25 -9.84
CA TYR B 340 15.17 13.17 -10.31
C TYR B 340 14.62 11.89 -9.80
N PHE B 341 15.38 10.80 -9.95
CA PHE B 341 14.94 9.55 -9.43
C PHE B 341 15.05 9.63 -7.96
N VAL B 342 14.11 9.00 -7.24
CA VAL B 342 14.26 9.01 -5.83
C VAL B 342 15.36 8.06 -5.53
N GLU B 343 16.33 8.49 -4.72
CA GLU B 343 17.45 7.65 -4.45
C GLU B 343 16.92 6.45 -3.73
N TRP B 344 16.02 6.69 -2.76
CA TRP B 344 15.66 5.66 -1.84
C TRP B 344 15.05 4.52 -2.58
N ILE B 345 14.06 4.85 -3.36
CA ILE B 345 13.33 3.80 -3.94
C ILE B 345 13.67 3.71 -5.43
N PRO B 346 14.14 2.54 -5.89
CA PRO B 346 14.30 2.24 -7.28
C PRO B 346 12.93 2.04 -7.82
N ASN B 347 12.85 1.67 -9.08
CA ASN B 347 11.55 1.81 -9.66
C ASN B 347 10.61 2.85 -8.98
N ASN B 348 10.97 4.11 -9.09
CA ASN B 348 10.10 5.11 -8.54
C ASN B 348 8.86 5.09 -9.36
N VAL B 349 9.01 5.10 -10.70
CA VAL B 349 7.84 5.18 -11.52
C VAL B 349 7.23 3.82 -11.64
N LYS B 350 5.90 3.92 -11.52
CA LYS B 350 4.97 2.95 -12.02
C LYS B 350 4.18 3.18 -13.21
N THR B 351 4.00 2.11 -14.06
CA THR B 351 3.07 2.50 -15.08
C THR B 351 2.13 1.36 -15.29
N ALA B 352 0.96 1.66 -15.87
CA ALA B 352 0.06 0.63 -16.26
C ALA B 352 -0.26 0.90 -17.68
N VAL B 353 -0.55 -0.17 -18.44
CA VAL B 353 -0.91 0.06 -19.80
C VAL B 353 -2.38 -0.13 -19.88
N CYS B 354 -3.08 0.80 -20.53
CA CYS B 354 -4.47 0.64 -20.68
C CYS B 354 -4.64 -0.46 -21.66
N ASP B 355 -5.65 -1.32 -21.43
CA ASP B 355 -5.80 -2.44 -22.30
C ASP B 355 -6.09 -1.88 -23.64
N ILE B 356 -6.94 -0.84 -23.69
CA ILE B 356 -7.26 -0.27 -24.97
C ILE B 356 -6.69 1.10 -25.02
N PRO B 357 -6.12 1.39 -26.14
CA PRO B 357 -5.54 2.67 -26.41
C PRO B 357 -6.67 3.64 -26.36
N PRO B 358 -6.41 4.87 -26.05
CA PRO B 358 -7.43 5.84 -25.81
C PRO B 358 -8.07 6.12 -27.12
N ARG B 359 -9.26 6.71 -27.10
CA ARG B 359 -9.78 7.23 -28.32
C ARG B 359 -8.74 8.19 -28.77
N GLY B 360 -8.58 8.35 -30.10
CA GLY B 360 -7.53 9.19 -30.57
C GLY B 360 -6.24 8.46 -30.42
N LEU B 361 -5.23 9.14 -29.86
CA LEU B 361 -3.88 8.63 -29.94
C LEU B 361 -3.82 7.34 -29.24
N LYS B 362 -3.02 6.41 -29.81
CA LYS B 362 -2.93 5.07 -29.34
C LYS B 362 -2.36 5.08 -27.96
N MET B 363 -1.34 5.92 -27.73
CA MET B 363 -0.68 5.84 -26.46
C MET B 363 -1.00 7.09 -25.71
N SER B 364 -1.30 6.93 -24.42
CA SER B 364 -1.47 8.07 -23.58
C SER B 364 -0.77 7.76 -22.30
N ALA B 365 -0.33 8.81 -21.59
CA ALA B 365 0.37 8.60 -20.36
C ALA B 365 -0.08 9.66 -19.42
N THR B 366 0.13 9.44 -18.12
CA THR B 366 -0.20 10.47 -17.18
C THR B 366 1.06 10.77 -16.45
N PHE B 367 1.12 11.95 -15.81
CA PHE B 367 2.32 12.23 -15.09
C PHE B 367 1.96 12.23 -13.65
N ILE B 368 2.86 11.67 -12.81
CA ILE B 368 2.65 11.72 -11.40
C ILE B 368 3.90 12.27 -10.80
N GLY B 369 3.75 13.05 -9.72
CA GLY B 369 4.89 13.60 -9.05
C GLY B 369 4.43 14.85 -8.39
N ASN B 370 5.37 15.57 -7.75
CA ASN B 370 5.04 16.84 -7.16
C ASN B 370 6.00 17.84 -7.70
N SER B 371 5.55 19.11 -7.78
CA SER B 371 6.47 20.14 -8.15
C SER B 371 6.84 20.84 -6.89
N THR B 372 8.14 20.82 -6.54
CA THR B 372 8.57 21.44 -5.33
C THR B 372 8.34 22.90 -5.48
N ALA B 373 8.74 23.46 -6.63
CA ALA B 373 8.73 24.87 -6.79
C ALA B 373 7.32 25.33 -6.64
N ILE B 374 6.39 24.59 -7.27
CA ILE B 374 5.05 25.06 -7.38
C ILE B 374 4.48 25.17 -6.00
N GLN B 375 4.69 24.15 -5.15
CA GLN B 375 4.09 24.14 -3.85
C GLN B 375 4.66 25.28 -3.10
N GLU B 376 5.98 25.48 -3.23
CA GLU B 376 6.63 26.52 -2.50
C GLU B 376 6.05 27.81 -2.96
N LEU B 377 5.80 27.93 -4.28
CA LEU B 377 5.37 29.18 -4.82
C LEU B 377 4.08 29.53 -4.16
N PHE B 378 3.21 28.52 -4.01
CA PHE B 378 1.89 28.73 -3.52
C PHE B 378 1.99 29.28 -2.14
N LYS B 379 2.90 28.71 -1.34
CA LYS B 379 3.02 29.12 0.03
C LYS B 379 3.37 30.56 0.02
N ARG B 380 4.19 30.97 -0.96
CA ARG B 380 4.62 32.33 -1.02
C ARG B 380 3.38 33.15 -1.14
N ILE B 381 2.41 32.64 -1.90
CA ILE B 381 1.22 33.38 -2.16
C ILE B 381 0.59 33.65 -0.83
N SER B 382 0.58 32.65 0.05
CA SER B 382 -0.01 32.85 1.34
C SER B 382 0.71 33.97 1.99
N GLU B 383 2.04 34.03 1.77
CA GLU B 383 2.82 35.07 2.37
C GLU B 383 2.27 36.35 1.86
N GLN B 384 1.89 36.37 0.56
CA GLN B 384 1.34 37.55 -0.03
C GLN B 384 0.14 37.86 0.78
N PHE B 385 -0.62 36.82 1.15
CA PHE B 385 -1.78 37.00 1.94
C PHE B 385 -1.34 37.64 3.22
N THR B 386 -0.21 37.16 3.77
CA THR B 386 0.27 37.66 5.02
C THR B 386 0.49 39.12 4.86
N ALA B 387 1.12 39.52 3.74
CA ALA B 387 1.44 40.91 3.55
C ALA B 387 0.14 41.64 3.54
N MET B 388 -0.87 41.03 2.91
CA MET B 388 -2.16 41.62 2.81
C MET B 388 -2.68 41.74 4.19
N PHE B 389 -2.33 40.77 5.04
CA PHE B 389 -2.79 40.72 6.39
C PHE B 389 -2.32 41.98 7.05
N ARG B 390 -1.11 42.43 6.69
CA ARG B 390 -0.61 43.64 7.27
C ARG B 390 -1.59 44.71 6.91
N ARG B 391 -2.11 44.66 5.67
CA ARG B 391 -3.13 45.58 5.25
C ARG B 391 -4.31 45.34 6.13
N LYS B 392 -4.61 44.06 6.41
CA LYS B 392 -5.77 43.72 7.19
C LYS B 392 -6.97 44.22 6.46
N ALA B 393 -6.97 44.11 5.12
CA ALA B 393 -8.13 44.53 4.39
C ALA B 393 -9.20 43.49 4.56
N PHE B 394 -10.47 43.94 4.53
CA PHE B 394 -11.59 43.06 4.48
C PHE B 394 -11.52 42.10 5.62
N LEU B 395 -10.97 42.56 6.77
CA LEU B 395 -11.00 41.70 7.91
C LEU B 395 -12.43 41.51 8.27
N HIS B 396 -13.20 42.61 8.16
CA HIS B 396 -14.56 42.65 8.57
C HIS B 396 -15.33 41.65 7.77
N TRP B 397 -15.09 41.63 6.44
CA TRP B 397 -15.88 40.75 5.62
C TRP B 397 -15.60 39.38 6.09
N TYR B 398 -14.32 39.11 6.39
CA TYR B 398 -13.93 37.84 6.90
C TYR B 398 -14.69 37.63 8.17
N THR B 399 -14.82 38.71 8.95
CA THR B 399 -15.53 38.60 10.19
C THR B 399 -16.91 38.15 9.87
N GLY B 400 -17.51 38.74 8.83
CA GLY B 400 -18.84 38.37 8.43
C GLY B 400 -18.77 36.92 8.07
N GLU B 401 -17.65 36.52 7.45
CA GLU B 401 -17.48 35.16 7.08
C GLU B 401 -17.54 34.36 8.34
N GLY B 402 -16.97 34.93 9.43
CA GLY B 402 -17.10 34.32 10.71
C GLY B 402 -15.89 33.51 10.99
N MET B 403 -14.97 33.44 10.01
CA MET B 403 -13.79 32.68 10.28
C MET B 403 -12.94 33.51 11.20
N ASP B 404 -12.22 32.85 12.11
CA ASP B 404 -11.39 33.57 13.03
C ASP B 404 -10.11 33.87 12.34
N GLU B 405 -9.34 34.84 12.88
CA GLU B 405 -8.05 35.15 12.35
C GLU B 405 -7.18 33.96 12.55
N MET B 406 -7.36 33.30 13.71
CA MET B 406 -6.46 32.27 14.11
C MET B 406 -6.50 31.22 13.07
N GLU B 407 -7.69 30.94 12.51
CA GLU B 407 -7.77 29.92 11.51
C GLU B 407 -6.89 30.36 10.39
N PHE B 408 -6.93 31.67 10.07
CA PHE B 408 -6.11 32.15 8.99
C PHE B 408 -4.69 31.86 9.36
N THR B 409 -4.28 32.26 10.57
CA THR B 409 -2.89 32.18 10.91
C THR B 409 -2.50 30.75 10.83
N GLU B 410 -3.31 29.87 11.45
CA GLU B 410 -2.95 28.50 11.52
C GLU B 410 -2.92 27.95 10.15
N ALA B 411 -3.88 28.40 9.31
CA ALA B 411 -4.00 27.81 8.01
C ALA B 411 -2.71 28.06 7.30
N GLU B 412 -2.18 29.28 7.43
CA GLU B 412 -0.90 29.52 6.84
C GLU B 412 0.08 28.67 7.56
N SER B 413 -0.05 28.60 8.90
CA SER B 413 0.98 28.05 9.74
C SER B 413 1.22 26.63 9.32
N ASN B 414 0.13 25.85 9.20
CA ASN B 414 0.29 24.47 8.89
C ASN B 414 0.97 24.40 7.57
N MET B 415 0.54 25.27 6.64
CA MET B 415 1.06 25.24 5.32
C MET B 415 2.53 25.49 5.43
N ASN B 416 2.92 26.45 6.29
CA ASN B 416 4.29 26.82 6.39
C ASN B 416 5.03 25.60 6.81
N ASP B 417 4.46 24.85 7.76
CA ASP B 417 5.16 23.72 8.27
C ASP B 417 5.38 22.79 7.12
N LEU B 418 4.31 22.55 6.35
CA LEU B 418 4.35 21.58 5.29
C LEU B 418 5.31 22.03 4.24
N VAL B 419 5.31 23.33 3.93
CA VAL B 419 5.97 23.80 2.75
C VAL B 419 7.42 23.48 2.86
N SER B 420 7.99 23.65 4.03
CA SER B 420 9.38 23.41 4.25
C SER B 420 9.69 21.93 4.04
N GLU B 421 8.70 21.05 4.13
CA GLU B 421 8.89 19.68 3.76
C GLU B 421 8.95 19.63 2.28
N TYR B 422 8.18 20.51 1.63
CA TYR B 422 8.06 20.50 0.20
C TYR B 422 9.43 20.67 -0.36
N GLN B 423 10.20 21.63 0.19
CA GLN B 423 11.53 21.86 -0.29
C GLN B 423 12.26 20.59 -0.07
N GLN B 424 11.96 19.93 1.06
CA GLN B 424 12.66 18.75 1.44
C GLN B 424 12.45 17.76 0.36
N TYR B 425 11.26 17.77 -0.26
CA TYR B 425 10.97 16.81 -1.28
C TYR B 425 12.02 16.97 -2.33
N GLN B 426 12.25 18.22 -2.76
CA GLN B 426 13.20 18.45 -3.79
C GLN B 426 14.52 17.98 -3.28
N ASP B 427 14.79 18.26 -2.00
CA ASP B 427 16.10 17.99 -1.47
C ASP B 427 16.35 16.54 -1.65
N ALA B 428 15.38 15.70 -1.26
CA ALA B 428 15.55 14.30 -1.51
C ALA B 428 15.46 14.10 -2.97
N THR B 429 16.17 13.08 -3.49
CA THR B 429 16.07 12.80 -4.89
C THR B 429 14.92 11.81 -5.04
N MET C 1 -5.06 -40.68 -16.22
CA MET C 1 -4.53 -41.21 -14.96
C MET C 1 -4.67 -40.19 -13.89
N ARG C 2 -3.53 -39.81 -13.28
CA ARG C 2 -3.58 -38.84 -12.23
C ARG C 2 -3.97 -37.55 -12.85
N GLU C 3 -4.68 -36.72 -12.07
CA GLU C 3 -5.05 -35.43 -12.58
C GLU C 3 -4.34 -34.42 -11.73
N CYS C 4 -3.97 -33.29 -12.35
CA CYS C 4 -3.38 -32.22 -11.60
C CYS C 4 -4.24 -31.02 -11.84
N ILE C 5 -4.22 -30.08 -10.88
CA ILE C 5 -4.92 -28.85 -11.07
C ILE C 5 -3.94 -27.76 -10.88
N SER C 6 -4.11 -26.65 -11.62
CA SER C 6 -3.18 -25.57 -11.48
C SER C 6 -3.92 -24.45 -10.83
N ILE C 7 -3.21 -23.63 -10.04
CA ILE C 7 -3.84 -22.52 -9.41
C ILE C 7 -3.18 -21.30 -9.93
N HIS C 8 -3.97 -20.26 -10.22
CA HIS C 8 -3.38 -19.06 -10.73
C HIS C 8 -3.61 -17.99 -9.71
N VAL C 9 -2.57 -17.23 -9.37
CA VAL C 9 -2.78 -16.17 -8.44
C VAL C 9 -2.38 -14.90 -9.10
N GLY C 10 -3.14 -13.83 -8.84
CA GLY C 10 -2.82 -12.57 -9.41
C GLY C 10 -3.23 -12.65 -10.84
N GLN C 11 -3.17 -11.51 -11.54
CA GLN C 11 -3.33 -11.44 -13.00
C GLN C 11 -2.26 -12.33 -13.59
N ALA C 12 -1.08 -12.36 -13.11
CA ALA C 12 -0.02 -13.07 -13.74
C ALA C 12 -0.31 -14.52 -13.63
N GLY C 13 -0.78 -14.96 -12.45
CA GLY C 13 -0.92 -16.37 -12.24
C GLY C 13 -1.92 -16.88 -13.23
N VAL C 14 -3.04 -16.15 -13.40
CA VAL C 14 -4.05 -16.67 -14.26
C VAL C 14 -3.52 -16.71 -15.67
N GLN C 15 -2.85 -15.64 -16.09
CA GLN C 15 -2.49 -15.55 -17.47
C GLN C 15 -1.57 -16.67 -17.78
N ILE C 16 -0.57 -16.89 -16.89
CA ILE C 16 0.44 -17.85 -17.21
C ILE C 16 -0.23 -19.19 -17.29
N GLY C 17 -1.09 -19.49 -16.31
CA GLY C 17 -1.72 -20.77 -16.27
C GLY C 17 -2.53 -20.89 -17.51
N ASN C 18 -3.13 -19.77 -17.94
CA ASN C 18 -4.02 -19.80 -19.06
C ASN C 18 -3.22 -20.31 -20.21
N ALA C 19 -1.97 -19.85 -20.33
CA ALA C 19 -1.16 -20.31 -21.41
C ALA C 19 -1.02 -21.79 -21.26
N CYS C 20 -0.82 -22.24 -20.00
CA CYS C 20 -0.52 -23.62 -19.80
C CYS C 20 -1.66 -24.42 -20.32
N TRP C 21 -2.88 -24.06 -19.90
CA TRP C 21 -4.02 -24.91 -20.13
C TRP C 21 -4.25 -25.05 -21.59
N GLU C 22 -4.28 -23.92 -22.32
CA GLU C 22 -4.70 -23.98 -23.69
C GLU C 22 -3.72 -24.84 -24.40
N LEU C 23 -2.45 -24.77 -23.99
CA LEU C 23 -1.43 -25.53 -24.64
C LEU C 23 -1.83 -26.95 -24.49
N TYR C 24 -2.29 -27.31 -23.28
CA TYR C 24 -2.60 -28.66 -22.97
C TYR C 24 -3.68 -29.09 -23.90
N CYS C 25 -4.69 -28.21 -24.07
CA CYS C 25 -5.81 -28.58 -24.89
C CYS C 25 -5.27 -28.85 -26.25
N LEU C 26 -4.42 -27.94 -26.76
CA LEU C 26 -3.96 -28.06 -28.10
C LEU C 26 -3.16 -29.31 -28.21
N GLU C 27 -2.28 -29.56 -27.24
CA GLU C 27 -1.37 -30.66 -27.37
C GLU C 27 -2.18 -31.91 -27.43
N HIS C 28 -3.22 -31.99 -26.59
CA HIS C 28 -4.09 -33.12 -26.67
C HIS C 28 -4.75 -33.08 -27.99
N GLY C 29 -5.08 -31.87 -28.47
CA GLY C 29 -5.85 -31.77 -29.67
C GLY C 29 -7.28 -31.71 -29.25
N ILE C 30 -7.49 -31.66 -27.92
CA ILE C 30 -8.81 -31.46 -27.43
C ILE C 30 -9.18 -30.05 -27.78
N GLN C 31 -10.40 -29.88 -28.31
CA GLN C 31 -10.82 -28.60 -28.79
C GLN C 31 -11.08 -27.74 -27.60
N PRO C 32 -10.91 -26.46 -27.78
CA PRO C 32 -11.00 -25.51 -26.71
C PRO C 32 -12.38 -25.54 -26.13
N ASP C 33 -13.33 -26.15 -26.85
CA ASP C 33 -14.65 -26.27 -26.33
C ASP C 33 -14.55 -27.12 -25.11
N GLY C 34 -13.60 -28.06 -25.11
CA GLY C 34 -13.41 -28.93 -24.00
C GLY C 34 -13.78 -30.31 -24.44
N GLN C 35 -14.60 -30.43 -25.50
CA GLN C 35 -14.79 -31.74 -26.03
C GLN C 35 -14.15 -31.74 -27.37
N MET C 36 -13.08 -32.53 -27.54
CA MET C 36 -12.38 -32.45 -28.78
C MET C 36 -13.20 -33.15 -29.80
N PRO C 37 -13.25 -32.53 -30.94
CA PRO C 37 -13.67 -33.17 -32.15
C PRO C 37 -12.70 -34.28 -32.37
N SER C 38 -11.49 -34.13 -31.81
CA SER C 38 -10.52 -35.18 -31.86
C SER C 38 -11.05 -36.26 -30.99
N ASP C 39 -10.45 -37.45 -31.06
CA ASP C 39 -10.97 -38.54 -30.30
C ASP C 39 -10.65 -38.26 -28.88
N LYS C 40 -11.16 -39.12 -27.99
CA LYS C 40 -11.01 -38.86 -26.59
C LYS C 40 -9.56 -38.88 -26.29
N THR C 41 -9.21 -38.39 -25.09
CA THR C 41 -7.85 -38.05 -24.79
C THR C 41 -7.05 -39.30 -24.87
N ILE C 42 -5.71 -39.14 -24.89
CA ILE C 42 -4.86 -40.21 -25.27
C ILE C 42 -4.94 -41.28 -24.24
N GLY C 43 -5.14 -42.53 -24.69
CA GLY C 43 -5.21 -43.60 -23.75
C GLY C 43 -6.43 -43.36 -22.94
N GLY C 44 -7.47 -42.79 -23.57
CA GLY C 44 -8.61 -42.39 -22.79
C GLY C 44 -8.10 -41.27 -21.96
N GLY C 45 -8.62 -41.14 -20.73
CA GLY C 45 -7.98 -40.20 -19.88
C GLY C 45 -6.59 -40.71 -19.70
N ASP C 46 -5.60 -40.02 -20.30
CA ASP C 46 -4.25 -40.40 -20.00
C ASP C 46 -3.91 -39.70 -18.74
N ASP C 47 -2.73 -40.01 -18.18
CA ASP C 47 -2.35 -39.36 -16.97
C ASP C 47 -2.31 -37.91 -17.30
N SER C 48 -1.75 -37.59 -18.48
CA SER C 48 -1.71 -36.23 -18.92
C SER C 48 -3.10 -35.76 -19.06
N PHE C 49 -3.99 -36.59 -19.63
CA PHE C 49 -5.30 -36.12 -19.92
C PHE C 49 -5.94 -35.74 -18.63
N ASN C 50 -5.90 -36.66 -17.66
CA ASN C 50 -6.70 -36.48 -16.49
C ASN C 50 -6.25 -35.24 -15.81
N THR C 51 -4.92 -35.04 -15.74
CA THR C 51 -4.45 -33.87 -15.07
C THR C 51 -5.00 -32.69 -15.79
N PHE C 52 -4.88 -32.68 -17.13
CA PHE C 52 -5.27 -31.52 -17.87
C PHE C 52 -6.73 -31.31 -17.65
N PHE C 53 -7.53 -32.37 -17.82
CA PHE C 53 -8.96 -32.29 -17.70
C PHE C 53 -9.44 -33.66 -17.37
N SER C 54 -10.76 -33.79 -17.19
CA SER C 54 -11.28 -35.10 -16.99
C SER C 54 -12.32 -35.29 -18.04
N GLU C 55 -12.52 -36.55 -18.47
CA GLU C 55 -13.57 -36.77 -19.41
C GLU C 55 -14.77 -37.11 -18.62
N THR C 56 -15.77 -36.22 -18.65
CA THR C 56 -16.99 -36.47 -17.96
C THR C 56 -18.06 -35.90 -18.83
N GLY C 57 -19.33 -36.01 -18.40
CA GLY C 57 -20.38 -35.47 -19.19
C GLY C 57 -21.28 -36.56 -19.68
N ALA C 58 -20.76 -37.72 -20.11
CA ALA C 58 -19.40 -37.97 -20.43
C ALA C 58 -19.15 -37.45 -21.80
N GLY C 59 -17.90 -37.48 -22.25
CA GLY C 59 -17.61 -37.07 -23.60
C GLY C 59 -17.34 -35.60 -23.59
N LYS C 60 -17.10 -35.04 -22.41
CA LYS C 60 -16.59 -33.70 -22.35
C LYS C 60 -15.33 -33.78 -21.56
N HIS C 61 -14.31 -32.98 -21.93
CA HIS C 61 -13.15 -32.92 -21.10
C HIS C 61 -13.17 -31.59 -20.44
N VAL C 62 -13.05 -31.56 -19.10
CA VAL C 62 -13.03 -30.31 -18.42
C VAL C 62 -11.75 -30.23 -17.66
N PRO C 63 -11.06 -29.16 -17.82
CA PRO C 63 -9.71 -29.07 -17.35
C PRO C 63 -9.73 -29.11 -15.85
N ARG C 64 -8.64 -29.62 -15.24
CA ARG C 64 -8.53 -29.49 -13.83
C ARG C 64 -7.75 -28.24 -13.59
N ALA C 65 -8.44 -27.15 -13.21
CA ALA C 65 -7.73 -25.96 -12.91
C ALA C 65 -8.61 -25.12 -12.06
N VAL C 66 -8.01 -24.26 -11.22
CA VAL C 66 -8.76 -23.28 -10.51
C VAL C 66 -8.11 -21.96 -10.78
N PHE C 67 -8.91 -20.94 -11.17
CA PHE C 67 -8.41 -19.63 -11.45
C PHE C 67 -8.92 -18.71 -10.38
N VAL C 68 -8.01 -18.03 -9.64
CA VAL C 68 -8.46 -17.14 -8.62
C VAL C 68 -7.87 -15.79 -8.86
N ASP C 69 -8.65 -14.73 -8.58
CA ASP C 69 -8.18 -13.39 -8.70
C ASP C 69 -9.06 -12.55 -7.81
N LEU C 70 -8.39 -11.61 -7.11
CA LEU C 70 -9.01 -10.62 -6.30
C LEU C 70 -9.69 -9.68 -7.24
N GLU C 71 -9.02 -9.35 -8.36
CA GLU C 71 -9.57 -8.37 -9.25
C GLU C 71 -10.33 -9.09 -10.31
N PRO C 72 -11.50 -8.58 -10.57
CA PRO C 72 -12.42 -9.20 -11.49
C PRO C 72 -11.85 -9.18 -12.86
N THR C 73 -10.88 -8.29 -13.11
CA THR C 73 -10.52 -7.98 -14.48
C THR C 73 -10.08 -9.16 -15.31
N VAL C 74 -9.03 -9.87 -14.87
CA VAL C 74 -8.41 -10.90 -15.66
C VAL C 74 -9.33 -12.07 -15.87
N ILE C 75 -10.06 -12.46 -14.81
CA ILE C 75 -10.93 -13.59 -14.83
C ILE C 75 -12.03 -13.35 -15.81
N ASP C 76 -12.53 -12.10 -15.88
CA ASP C 76 -13.61 -11.79 -16.77
C ASP C 76 -13.17 -12.08 -18.18
N GLU C 77 -11.87 -11.87 -18.46
CA GLU C 77 -11.38 -12.13 -19.79
C GLU C 77 -11.64 -13.57 -20.10
N VAL C 78 -11.39 -14.44 -19.11
CA VAL C 78 -11.48 -15.85 -19.29
C VAL C 78 -12.88 -16.11 -19.70
N ARG C 79 -13.83 -15.46 -19.03
CA ARG C 79 -15.22 -15.71 -19.27
C ARG C 79 -15.45 -15.41 -20.70
N THR C 80 -14.81 -14.34 -21.20
CA THR C 80 -15.00 -13.94 -22.56
C THR C 80 -14.53 -15.03 -23.46
N GLY C 81 -13.38 -15.64 -23.14
CA GLY C 81 -12.69 -16.42 -24.11
C GLY C 81 -13.43 -17.68 -24.41
N THR C 82 -13.09 -18.31 -25.54
CA THR C 82 -13.69 -19.52 -26.03
C THR C 82 -13.39 -20.60 -25.05
N TYR C 83 -12.18 -20.54 -24.47
CA TYR C 83 -11.71 -21.54 -23.56
C TYR C 83 -12.71 -21.57 -22.45
N ARG C 84 -13.30 -20.40 -22.16
CA ARG C 84 -14.23 -20.26 -21.09
C ARG C 84 -15.30 -21.27 -21.31
N GLN C 85 -15.72 -21.47 -22.57
CA GLN C 85 -16.79 -22.39 -22.81
C GLN C 85 -16.34 -23.72 -22.32
N LEU C 86 -15.05 -24.05 -22.54
CA LEU C 86 -14.55 -25.31 -22.08
C LEU C 86 -14.69 -25.33 -20.59
N PHE C 87 -14.31 -24.23 -19.92
CA PHE C 87 -14.21 -24.32 -18.50
C PHE C 87 -15.55 -24.04 -17.90
N HIS C 88 -16.07 -25.02 -17.15
CA HIS C 88 -17.33 -24.86 -16.50
C HIS C 88 -17.14 -23.90 -15.39
N PRO C 89 -18.16 -23.15 -15.13
CA PRO C 89 -18.03 -21.94 -14.38
C PRO C 89 -17.53 -22.27 -13.01
N GLU C 90 -17.67 -23.54 -12.60
CA GLU C 90 -17.25 -23.90 -11.27
C GLU C 90 -15.79 -23.63 -11.19
N GLN C 91 -15.04 -24.03 -12.24
CA GLN C 91 -13.62 -23.97 -12.18
C GLN C 91 -13.20 -22.55 -12.08
N LEU C 92 -13.82 -21.66 -12.87
CA LEU C 92 -13.31 -20.33 -12.92
C LEU C 92 -14.05 -19.52 -11.92
N ILE C 93 -13.28 -18.76 -11.11
CA ILE C 93 -13.89 -17.88 -10.16
C ILE C 93 -13.22 -16.56 -10.30
N THR C 94 -13.94 -15.47 -10.00
CA THR C 94 -13.33 -14.17 -10.03
C THR C 94 -13.55 -13.57 -8.68
N GLY C 95 -12.77 -12.54 -8.35
CA GLY C 95 -12.94 -11.89 -7.08
C GLY C 95 -13.30 -10.48 -7.36
N LYS C 96 -14.19 -9.91 -6.52
CA LYS C 96 -14.63 -8.55 -6.74
C LYS C 96 -13.49 -7.61 -6.51
N GLU C 97 -12.77 -7.79 -5.39
CA GLU C 97 -11.90 -6.73 -4.97
C GLU C 97 -10.49 -7.15 -5.18
N ASP C 98 -9.71 -6.29 -5.85
CA ASP C 98 -8.37 -6.64 -6.26
C ASP C 98 -7.48 -6.55 -5.07
N ALA C 99 -6.34 -7.28 -5.23
CA ALA C 99 -5.16 -7.13 -4.39
C ALA C 99 -5.11 -5.79 -4.02
N ALA C 100 -5.21 -5.02 -5.10
CA ALA C 100 -4.32 -4.04 -5.63
C ALA C 100 -2.93 -4.18 -4.99
N ASN C 101 -2.09 -5.16 -4.97
CA ASN C 101 -0.65 -5.01 -4.64
C ASN C 101 -0.34 -5.06 -3.14
N ASN C 102 -1.31 -5.23 -2.22
CA ASN C 102 -0.90 -5.34 -0.82
C ASN C 102 -0.84 -6.80 -0.65
N TYR C 103 0.30 -7.21 -0.16
CA TYR C 103 0.35 -8.60 0.13
C TYR C 103 -0.47 -8.82 1.36
N ALA C 104 -0.20 -8.04 2.42
CA ALA C 104 -0.89 -8.27 3.65
C ALA C 104 -2.33 -7.95 3.46
N ARG C 105 -2.67 -6.77 2.95
CA ARG C 105 -4.09 -6.46 2.93
C ARG C 105 -4.72 -7.36 1.97
N GLY C 106 -4.16 -7.53 0.77
CA GLY C 106 -4.87 -8.36 -0.14
C GLY C 106 -5.04 -9.68 0.52
N HIS C 107 -3.98 -10.14 1.19
CA HIS C 107 -4.01 -11.45 1.76
C HIS C 107 -5.11 -11.49 2.76
N TYR C 108 -5.07 -10.57 3.73
CA TYR C 108 -6.03 -10.67 4.81
C TYR C 108 -7.39 -10.39 4.27
N THR C 109 -7.55 -9.23 3.61
CA THR C 109 -8.89 -8.80 3.34
C THR C 109 -9.52 -9.77 2.39
N ILE C 110 -8.86 -9.98 1.25
CA ILE C 110 -9.44 -10.76 0.20
C ILE C 110 -9.52 -12.19 0.64
N GLY C 111 -8.45 -12.68 1.26
CA GLY C 111 -8.22 -14.09 1.36
C GLY C 111 -9.35 -14.71 2.10
N LYS C 112 -9.84 -14.04 3.15
CA LYS C 112 -10.74 -14.68 4.05
C LYS C 112 -11.95 -15.12 3.29
N GLU C 113 -12.53 -14.20 2.49
CA GLU C 113 -13.74 -14.53 1.81
C GLU C 113 -13.46 -15.60 0.81
N ILE C 114 -12.38 -15.41 0.03
CA ILE C 114 -12.16 -16.18 -1.15
C ILE C 114 -11.95 -17.60 -0.76
N ILE C 115 -11.19 -17.82 0.34
CA ILE C 115 -10.60 -19.10 0.58
C ILE C 115 -11.68 -20.12 0.67
N ASP C 116 -12.79 -19.79 1.34
CA ASP C 116 -13.76 -20.81 1.60
C ASP C 116 -14.26 -21.33 0.29
N LEU C 117 -14.58 -20.42 -0.65
CA LEU C 117 -15.14 -20.91 -1.87
C LEU C 117 -14.12 -21.75 -2.54
N VAL C 118 -12.88 -21.22 -2.64
CA VAL C 118 -11.90 -21.87 -3.45
C VAL C 118 -11.62 -23.22 -2.86
N LEU C 119 -11.50 -23.27 -1.52
CA LEU C 119 -11.14 -24.51 -0.91
C LEU C 119 -12.22 -25.48 -1.22
N ASP C 120 -13.48 -25.03 -1.14
CA ASP C 120 -14.55 -25.94 -1.43
C ASP C 120 -14.40 -26.36 -2.85
N ARG C 121 -14.20 -25.39 -3.76
CA ARG C 121 -14.27 -25.68 -5.15
C ARG C 121 -13.20 -26.67 -5.44
N ILE C 122 -11.99 -26.40 -4.93
CA ILE C 122 -10.88 -27.28 -5.17
C ILE C 122 -11.24 -28.58 -4.55
N ARG C 123 -11.88 -28.52 -3.37
CA ARG C 123 -12.07 -29.70 -2.59
C ARG C 123 -12.87 -30.65 -3.42
N LYS C 124 -13.96 -30.16 -4.01
CA LYS C 124 -14.86 -31.04 -4.68
C LYS C 124 -14.10 -31.69 -5.78
N LEU C 125 -13.33 -30.89 -6.53
CA LEU C 125 -12.61 -31.45 -7.63
C LEU C 125 -11.66 -32.45 -7.08
N ALA C 126 -11.01 -32.11 -5.96
CA ALA C 126 -10.01 -32.98 -5.43
C ALA C 126 -10.68 -34.26 -5.09
N ASP C 127 -11.86 -34.19 -4.46
CA ASP C 127 -12.49 -35.39 -4.02
C ASP C 127 -12.79 -36.20 -5.23
N GLN C 128 -13.38 -35.56 -6.25
CA GLN C 128 -13.82 -36.31 -7.39
C GLN C 128 -12.63 -36.90 -8.05
N CYS C 129 -11.55 -36.10 -8.19
CA CYS C 129 -10.44 -36.54 -8.96
C CYS C 129 -9.71 -37.58 -8.18
N THR C 130 -8.95 -38.43 -8.90
CA THR C 130 -8.19 -39.45 -8.23
C THR C 130 -7.22 -38.75 -7.34
N GLY C 131 -6.56 -37.71 -7.86
CA GLY C 131 -5.69 -36.92 -7.05
C GLY C 131 -4.62 -36.38 -7.93
N LEU C 132 -3.78 -35.50 -7.38
CA LEU C 132 -2.69 -34.97 -8.14
C LEU C 132 -1.46 -35.64 -7.64
N GLN C 133 -0.48 -35.86 -8.54
CA GLN C 133 0.82 -36.19 -8.07
C GLN C 133 1.24 -34.97 -7.32
N GLY C 134 0.91 -33.80 -7.88
CA GLY C 134 1.15 -32.55 -7.22
C GLY C 134 0.30 -31.55 -7.91
N PHE C 135 0.35 -30.29 -7.45
CA PHE C 135 -0.39 -29.26 -8.12
C PHE C 135 0.55 -28.12 -8.35
N LEU C 136 0.23 -27.25 -9.33
CA LEU C 136 1.10 -26.17 -9.62
C LEU C 136 0.50 -24.93 -9.06
N VAL C 137 1.36 -23.99 -8.61
CA VAL C 137 0.86 -22.73 -8.13
C VAL C 137 1.36 -21.69 -9.06
N PHE C 138 0.49 -20.72 -9.40
CA PHE C 138 0.91 -19.60 -10.19
C PHE C 138 0.58 -18.40 -9.37
N HIS C 139 1.39 -17.33 -9.50
CA HIS C 139 1.03 -16.12 -8.84
C HIS C 139 2.09 -15.14 -9.16
N SER C 140 1.93 -13.90 -8.68
CA SER C 140 2.95 -12.93 -8.93
C SER C 140 3.48 -12.51 -7.60
N PHE C 141 4.81 -12.44 -7.49
CA PHE C 141 5.38 -11.89 -6.29
C PHE C 141 4.98 -10.46 -6.25
N GLY C 142 5.16 -9.77 -7.39
CA GLY C 142 4.91 -8.36 -7.43
C GLY C 142 3.46 -8.14 -7.16
N GLY C 143 2.59 -8.96 -7.78
CA GLY C 143 1.20 -8.68 -7.65
C GLY C 143 0.85 -8.82 -6.21
N GLY C 144 0.01 -7.91 -5.72
CA GLY C 144 -0.41 -7.98 -4.35
C GLY C 144 -1.15 -9.27 -4.21
N THR C 145 -1.94 -9.59 -5.24
CA THR C 145 -2.84 -10.70 -5.16
C THR C 145 -2.02 -11.92 -4.91
N GLY C 146 -0.95 -12.09 -5.70
CA GLY C 146 -0.19 -13.29 -5.56
C GLY C 146 0.36 -13.29 -4.18
N SER C 147 0.86 -12.13 -3.73
CA SER C 147 1.50 -12.07 -2.45
C SER C 147 0.51 -12.47 -1.41
N GLY C 148 -0.58 -11.70 -1.29
CA GLY C 148 -1.49 -11.91 -0.19
C GLY C 148 -2.08 -13.27 -0.33
N PHE C 149 -2.49 -13.61 -1.57
CA PHE C 149 -3.22 -14.82 -1.79
C PHE C 149 -2.34 -15.96 -1.40
N THR C 150 -1.09 -15.94 -1.89
CA THR C 150 -0.27 -17.10 -1.76
C THR C 150 -0.08 -17.38 -0.31
N SER C 151 0.15 -16.32 0.49
CA SER C 151 0.47 -16.52 1.86
C SER C 151 -0.67 -17.25 2.49
N LEU C 152 -1.90 -16.78 2.22
CA LEU C 152 -3.03 -17.40 2.85
C LEU C 152 -3.05 -18.81 2.36
N LEU C 153 -2.85 -19.00 1.05
CA LEU C 153 -3.04 -20.29 0.46
C LEU C 153 -2.09 -21.23 1.09
N MET C 154 -0.82 -20.80 1.25
CA MET C 154 0.22 -21.74 1.54
C MET C 154 -0.10 -22.40 2.84
N GLU C 155 -0.46 -21.62 3.86
CA GLU C 155 -0.62 -22.23 5.15
C GLU C 155 -1.74 -23.20 5.07
N ARG C 156 -2.88 -22.76 4.49
CA ARG C 156 -4.05 -23.58 4.54
C ARG C 156 -3.77 -24.84 3.79
N LEU C 157 -3.18 -24.71 2.59
CA LEU C 157 -3.01 -25.86 1.77
C LEU C 157 -2.11 -26.79 2.50
N SER C 158 -1.02 -26.24 3.07
CA SER C 158 -0.04 -27.06 3.69
C SER C 158 -0.72 -27.84 4.77
N VAL C 159 -1.47 -27.12 5.61
CA VAL C 159 -2.01 -27.77 6.77
C VAL C 159 -2.90 -28.87 6.31
N ASP C 160 -3.86 -28.56 5.41
CA ASP C 160 -4.86 -29.53 5.09
C ASP C 160 -4.25 -30.76 4.47
N TYR C 161 -3.59 -30.56 3.32
CA TYR C 161 -3.19 -31.66 2.49
C TYR C 161 -2.06 -32.38 3.13
N GLY C 162 -1.06 -31.62 3.60
CA GLY C 162 0.09 -32.27 4.14
C GLY C 162 0.78 -32.94 2.98
N LYS C 163 0.47 -34.22 2.77
CA LYS C 163 1.31 -35.07 1.95
C LYS C 163 1.41 -34.50 0.57
N LYS C 164 0.30 -33.95 0.03
CA LYS C 164 0.26 -33.59 -1.36
C LYS C 164 1.35 -32.60 -1.63
N SER C 165 2.03 -32.75 -2.78
CA SER C 165 3.20 -31.97 -3.05
C SER C 165 2.75 -30.61 -3.47
N LYS C 166 3.61 -29.60 -3.26
CA LYS C 166 3.25 -28.29 -3.71
C LYS C 166 4.40 -27.75 -4.48
N LEU C 167 4.09 -27.10 -5.62
CA LEU C 167 5.08 -26.45 -6.44
C LEU C 167 4.58 -25.07 -6.78
N GLU C 168 5.46 -24.04 -6.69
CA GLU C 168 5.03 -22.70 -6.97
C GLU C 168 5.88 -22.12 -8.07
N PHE C 169 5.24 -21.67 -9.17
CA PHE C 169 5.97 -20.99 -10.20
C PHE C 169 5.71 -19.55 -9.93
N SER C 170 6.74 -18.80 -9.49
CA SER C 170 6.46 -17.49 -9.03
C SER C 170 7.24 -16.56 -9.88
N ILE C 171 6.86 -15.27 -9.87
CA ILE C 171 7.57 -14.32 -10.65
C ILE C 171 8.44 -13.54 -9.72
N TYR C 172 9.75 -13.55 -10.02
CA TYR C 172 10.68 -12.87 -9.18
C TYR C 172 10.94 -11.61 -9.90
N PRO C 173 10.83 -10.54 -9.18
CA PRO C 173 11.05 -9.23 -9.71
C PRO C 173 12.43 -9.17 -10.28
N ALA C 174 12.57 -8.55 -11.47
CA ALA C 174 13.88 -8.49 -12.05
C ALA C 174 14.60 -7.43 -11.31
N PRO C 175 15.86 -7.68 -11.05
CA PRO C 175 16.68 -6.80 -10.32
C PRO C 175 16.75 -5.53 -11.10
N GLN C 176 16.46 -5.61 -12.42
CA GLN C 176 16.59 -4.46 -13.27
C GLN C 176 15.64 -3.42 -12.78
N VAL C 177 14.38 -3.82 -12.55
CA VAL C 177 13.42 -2.84 -12.17
C VAL C 177 12.35 -3.54 -11.41
N SER C 178 11.84 -3.05 -10.31
CA SER C 178 10.60 -3.70 -9.83
C SER C 178 9.48 -3.37 -10.89
N THR C 179 8.34 -4.06 -11.13
CA THR C 179 7.08 -3.23 -10.94
C THR C 179 7.04 -2.40 -9.46
N ALA C 180 5.94 -2.33 -8.74
CA ALA C 180 5.73 -1.24 -7.69
C ALA C 180 6.90 -1.06 -6.70
N VAL C 181 6.93 0.11 -6.09
CA VAL C 181 7.52 0.23 -4.78
C VAL C 181 7.16 -0.95 -3.87
N VAL C 182 5.89 -1.25 -3.81
CA VAL C 182 5.29 -2.21 -2.94
C VAL C 182 5.97 -3.51 -3.17
N GLU C 183 6.39 -3.77 -4.44
CA GLU C 183 6.73 -5.13 -4.79
C GLU C 183 7.80 -5.70 -3.90
N PRO C 184 8.86 -4.99 -3.58
CA PRO C 184 9.88 -5.52 -2.75
C PRO C 184 9.31 -5.82 -1.41
N TYR C 185 8.40 -4.96 -0.91
CA TYR C 185 7.87 -5.24 0.39
C TYR C 185 7.09 -6.49 0.24
N ASN C 186 6.25 -6.56 -0.79
CA ASN C 186 5.33 -7.65 -0.93
C ASN C 186 6.12 -8.90 -1.04
N SER C 187 7.10 -8.88 -1.96
CA SER C 187 7.73 -10.11 -2.37
C SER C 187 8.38 -10.71 -1.18
N ILE C 188 9.25 -9.93 -0.51
CA ILE C 188 10.06 -10.51 0.53
C ILE C 188 9.15 -10.99 1.59
N LEU C 189 8.19 -10.14 1.99
CA LEU C 189 7.38 -10.48 3.12
C LEU C 189 6.63 -11.72 2.80
N THR C 190 6.00 -11.74 1.61
CA THR C 190 5.17 -12.86 1.28
C THR C 190 6.03 -14.08 1.23
N THR C 191 7.16 -13.96 0.52
CA THR C 191 7.84 -15.14 0.06
C THR C 191 8.33 -15.94 1.21
N HIS C 192 8.98 -15.29 2.19
CA HIS C 192 9.79 -16.05 3.09
C HIS C 192 8.92 -16.98 3.88
N THR C 193 7.82 -16.45 4.45
CA THR C 193 7.04 -17.27 5.33
C THR C 193 6.50 -18.41 4.53
N THR C 194 5.92 -18.10 3.36
CA THR C 194 5.19 -19.09 2.62
C THR C 194 6.16 -20.15 2.21
N LEU C 195 7.38 -19.75 1.82
CA LEU C 195 8.28 -20.65 1.17
C LEU C 195 8.53 -21.80 2.09
N GLU C 196 8.71 -21.51 3.39
CA GLU C 196 9.11 -22.53 4.30
C GLU C 196 8.05 -23.59 4.27
N HIS C 197 6.78 -23.16 4.27
CA HIS C 197 5.72 -24.11 4.22
C HIS C 197 5.86 -24.87 2.95
N SER C 198 6.12 -24.15 1.84
CA SER C 198 6.12 -24.80 0.56
C SER C 198 7.33 -25.68 0.50
N ASP C 199 7.23 -26.76 -0.29
CA ASP C 199 8.35 -27.64 -0.45
C ASP C 199 9.44 -26.86 -1.09
N CYS C 200 9.09 -26.18 -2.20
CA CYS C 200 10.08 -25.42 -2.91
C CYS C 200 9.38 -24.24 -3.47
N ALA C 201 10.16 -23.22 -3.87
CA ALA C 201 9.57 -22.05 -4.46
C ALA C 201 10.31 -21.79 -5.73
N PHE C 202 9.63 -21.20 -6.73
CA PHE C 202 10.31 -20.86 -7.93
C PHE C 202 10.17 -19.38 -8.12
N MET C 203 11.23 -18.75 -8.66
CA MET C 203 11.14 -17.36 -8.96
C MET C 203 11.61 -17.21 -10.37
N VAL C 204 11.20 -16.11 -11.03
CA VAL C 204 11.54 -15.96 -12.41
C VAL C 204 12.43 -14.77 -12.53
N ASP C 205 13.39 -14.82 -13.48
CA ASP C 205 14.14 -13.64 -13.78
C ASP C 205 13.36 -12.94 -14.83
N ASN C 206 12.59 -11.91 -14.43
CA ASN C 206 11.84 -11.23 -15.43
C ASN C 206 12.84 -10.64 -16.37
N GLU C 207 13.82 -9.94 -15.81
CA GLU C 207 14.79 -9.27 -16.61
C GLU C 207 15.58 -10.30 -17.35
N ALA C 208 16.13 -11.29 -16.62
CA ALA C 208 17.05 -12.18 -17.26
C ALA C 208 16.32 -12.93 -18.31
N ILE C 209 15.15 -13.48 -17.94
CA ILE C 209 14.42 -14.31 -18.84
C ILE C 209 13.97 -13.47 -19.98
N TYR C 210 13.43 -12.28 -19.68
CA TYR C 210 12.88 -11.49 -20.73
C TYR C 210 13.99 -11.12 -21.65
N ASP C 211 15.14 -10.72 -21.07
CA ASP C 211 16.21 -10.32 -21.93
C ASP C 211 16.60 -11.52 -22.73
N ILE C 212 16.79 -12.67 -22.06
CA ILE C 212 17.35 -13.78 -22.76
C ILE C 212 16.42 -14.17 -23.85
N CYS C 213 15.13 -14.33 -23.49
CA CYS C 213 14.19 -14.82 -24.45
C CYS C 213 14.14 -13.84 -25.56
N ARG C 214 14.06 -12.55 -25.20
CA ARG C 214 13.89 -11.56 -26.21
C ARG C 214 15.09 -11.61 -27.11
N ARG C 215 16.28 -11.69 -26.52
CA ARG C 215 17.48 -11.65 -27.31
C ARG C 215 17.48 -12.87 -28.17
N ASN C 216 17.06 -14.01 -27.59
CA ASN C 216 17.03 -15.23 -28.36
C ASN C 216 16.12 -14.95 -29.50
N LEU C 217 15.03 -14.22 -29.19
CA LEU C 217 14.06 -13.86 -30.17
C LEU C 217 14.75 -13.04 -31.20
N ASP C 218 15.72 -12.22 -30.75
CA ASP C 218 16.27 -11.25 -31.66
C ASP C 218 15.10 -10.43 -32.08
N ILE C 219 14.17 -10.25 -31.14
CA ILE C 219 13.00 -9.48 -31.38
C ILE C 219 13.02 -8.37 -30.39
N GLU C 220 12.76 -7.20 -31.09
CA GLU C 220 12.66 -5.85 -30.48
C GLU C 220 11.99 -6.21 -29.27
N ARG C 221 10.75 -6.78 -29.34
CA ARG C 221 9.97 -7.31 -28.28
C ARG C 221 9.44 -8.86 -27.96
N PRO C 222 9.57 -9.61 -26.66
CA PRO C 222 8.70 -10.74 -26.70
C PRO C 222 7.36 -10.29 -26.25
N THR C 223 6.30 -11.00 -26.64
CA THR C 223 5.02 -10.67 -26.11
C THR C 223 5.02 -11.18 -24.71
N TYR C 224 4.42 -10.46 -23.76
CA TYR C 224 4.07 -11.11 -22.52
C TYR C 224 3.46 -12.49 -22.61
N THR C 225 2.62 -12.68 -23.59
CA THR C 225 2.05 -13.97 -23.82
C THR C 225 3.15 -14.85 -24.31
N ASN C 226 3.99 -14.33 -25.22
CA ASN C 226 5.02 -15.13 -25.78
C ASN C 226 5.91 -15.54 -24.66
N LEU C 227 6.19 -14.60 -23.74
CA LEU C 227 7.08 -14.88 -22.66
C LEU C 227 6.49 -16.02 -21.90
N ASN C 228 5.16 -15.94 -21.69
CA ASN C 228 4.46 -16.97 -20.98
C ASN C 228 4.62 -18.22 -21.78
N ARG C 229 4.66 -18.09 -23.11
CA ARG C 229 4.63 -19.22 -23.98
C ARG C 229 5.79 -20.08 -23.63
N LEU C 230 6.96 -19.45 -23.40
CA LEU C 230 8.12 -20.24 -23.12
C LEU C 230 7.83 -20.99 -21.87
N ILE C 231 7.22 -20.31 -20.89
CA ILE C 231 7.04 -20.93 -19.61
C ILE C 231 6.20 -22.14 -19.79
N SER C 232 5.09 -21.98 -20.56
CA SER C 232 4.14 -23.03 -20.64
C SER C 232 4.82 -24.23 -21.23
N GLN C 233 5.59 -24.01 -22.30
CA GLN C 233 6.06 -25.13 -23.06
C GLN C 233 6.93 -25.95 -22.18
N ILE C 234 7.79 -25.29 -21.39
CA ILE C 234 8.73 -26.03 -20.59
C ILE C 234 7.92 -26.85 -19.64
N VAL C 235 6.86 -26.24 -19.08
CA VAL C 235 6.11 -26.94 -18.09
C VAL C 235 5.55 -28.14 -18.74
N SER C 236 5.04 -27.98 -19.96
CA SER C 236 4.36 -29.05 -20.63
C SER C 236 5.34 -30.16 -20.74
N SER C 237 6.61 -29.82 -21.02
CA SER C 237 7.60 -30.85 -21.17
C SER C 237 7.65 -31.57 -19.87
N ILE C 238 7.59 -30.82 -18.75
CA ILE C 238 7.72 -31.42 -17.46
C ILE C 238 6.60 -32.39 -17.30
N THR C 239 5.38 -31.96 -17.66
CA THR C 239 4.24 -32.79 -17.44
C THR C 239 4.42 -34.02 -18.26
N ALA C 240 4.92 -33.86 -19.48
CA ALA C 240 4.91 -34.92 -20.44
C ALA C 240 5.70 -36.05 -19.87
N SER C 241 6.84 -35.75 -19.24
CA SER C 241 7.70 -36.82 -18.78
C SER C 241 6.93 -37.62 -17.79
N LEU C 242 6.37 -36.97 -16.77
CA LEU C 242 5.72 -37.75 -15.76
C LEU C 242 4.55 -38.42 -16.40
N ARG C 243 3.77 -37.66 -17.19
CA ARG C 243 2.52 -38.15 -17.66
C ARG C 243 2.80 -39.36 -18.51
N PHE C 244 3.72 -39.23 -19.47
CA PHE C 244 3.99 -40.32 -20.36
C PHE C 244 5.43 -40.65 -20.21
N ASP C 245 5.74 -41.95 -20.10
CA ASP C 245 7.10 -42.33 -19.87
C ASP C 245 7.88 -41.96 -21.09
N GLY C 246 9.12 -41.47 -20.88
CA GLY C 246 9.98 -41.15 -21.97
C GLY C 246 10.93 -42.29 -22.12
N ALA C 247 12.13 -42.03 -22.64
CA ALA C 247 13.08 -43.10 -22.65
C ALA C 247 13.28 -43.46 -21.22
N LEU C 248 13.45 -42.44 -20.36
CA LEU C 248 13.45 -42.70 -18.96
C LEU C 248 12.39 -41.82 -18.37
N ASN C 249 11.41 -42.42 -17.67
CA ASN C 249 10.49 -41.60 -16.95
C ASN C 249 10.73 -41.85 -15.50
N VAL C 250 10.69 -40.78 -14.70
CA VAL C 250 10.97 -40.95 -13.31
C VAL C 250 9.86 -40.26 -12.59
N ASP C 251 9.60 -40.68 -11.34
CA ASP C 251 8.69 -39.90 -10.56
C ASP C 251 9.34 -38.57 -10.49
N LEU C 252 8.61 -37.52 -10.92
CA LEU C 252 9.24 -36.24 -10.96
C LEU C 252 9.57 -35.88 -9.56
N THR C 253 8.59 -36.01 -8.66
CA THR C 253 8.78 -35.59 -7.31
C THR C 253 9.84 -36.46 -6.71
N GLU C 254 9.73 -37.78 -6.94
CA GLU C 254 10.60 -38.70 -6.29
C GLU C 254 11.98 -38.37 -6.76
N PHE C 255 12.13 -38.11 -8.07
CA PHE C 255 13.42 -37.77 -8.55
C PHE C 255 13.80 -36.51 -7.87
N GLN C 256 12.83 -35.59 -7.74
CA GLN C 256 13.11 -34.29 -7.22
C GLN C 256 13.68 -34.46 -5.85
N THR C 257 13.13 -35.42 -5.09
CA THR C 257 13.58 -35.60 -3.74
C THR C 257 15.03 -35.93 -3.83
N ASN C 258 15.38 -36.79 -4.80
CA ASN C 258 16.76 -37.10 -5.00
C ASN C 258 17.45 -35.83 -5.33
N LEU C 259 16.80 -35.00 -6.18
CA LEU C 259 17.44 -33.85 -6.72
C LEU C 259 17.82 -32.94 -5.60
N VAL C 260 16.88 -32.68 -4.67
CA VAL C 260 17.24 -31.80 -3.61
C VAL C 260 17.61 -32.66 -2.45
N PRO C 261 18.86 -32.57 -2.13
CA PRO C 261 19.43 -33.27 -1.01
C PRO C 261 18.75 -32.78 0.21
N TYR C 262 18.29 -31.52 0.20
CA TYR C 262 17.78 -30.98 1.41
C TYR C 262 16.42 -30.43 1.12
N PRO C 263 15.54 -30.62 2.04
CA PRO C 263 14.35 -29.83 2.14
C PRO C 263 14.80 -28.44 2.37
N ARG C 264 16.04 -28.28 2.90
CA ARG C 264 16.56 -26.99 3.21
C ARG C 264 16.62 -26.26 1.92
N ILE C 265 17.04 -26.96 0.85
CA ILE C 265 16.99 -26.32 -0.43
C ILE C 265 15.67 -26.69 -1.00
N HIS C 266 14.75 -25.72 -1.02
CA HIS C 266 13.41 -26.04 -1.38
C HIS C 266 13.42 -26.54 -2.76
N PHE C 267 14.07 -25.79 -3.67
CA PHE C 267 14.18 -26.23 -5.02
C PHE C 267 15.57 -25.93 -5.48
N PRO C 268 16.09 -26.80 -6.28
CA PRO C 268 17.22 -26.51 -7.12
C PRO C 268 16.73 -25.54 -8.12
N LEU C 269 17.62 -24.71 -8.69
CA LEU C 269 17.19 -23.91 -9.79
C LEU C 269 17.03 -24.83 -10.95
N ALA C 270 16.04 -24.56 -11.81
CA ALA C 270 15.81 -25.44 -12.91
C ALA C 270 16.02 -24.67 -14.16
N THR C 271 16.51 -25.34 -15.20
CA THR C 271 16.70 -24.69 -16.46
C THR C 271 16.07 -25.54 -17.49
N TYR C 272 15.75 -24.94 -18.65
CA TYR C 272 15.25 -25.72 -19.76
C TYR C 272 16.20 -25.49 -20.87
N ALA C 273 16.54 -26.56 -21.62
CA ALA C 273 17.46 -26.41 -22.70
C ALA C 273 16.99 -27.29 -23.81
N PRO C 274 17.45 -27.02 -25.00
CA PRO C 274 18.35 -25.93 -25.27
C PRO C 274 17.58 -24.67 -25.08
N VAL C 275 18.27 -23.54 -24.84
CA VAL C 275 17.53 -22.33 -24.80
C VAL C 275 17.07 -22.11 -26.20
N ILE C 276 15.75 -22.15 -26.43
CA ILE C 276 15.31 -22.11 -27.78
C ILE C 276 14.49 -20.89 -27.96
N SER C 277 14.97 -19.96 -28.81
CA SER C 277 14.14 -18.91 -29.28
C SER C 277 13.47 -19.47 -30.48
N ALA C 278 12.60 -18.69 -31.13
CA ALA C 278 12.10 -19.18 -32.37
C ALA C 278 13.30 -19.30 -33.25
N GLU C 279 14.12 -18.24 -33.26
CA GLU C 279 15.29 -18.25 -34.09
C GLU C 279 16.20 -19.32 -33.60
N LYS C 280 16.36 -19.43 -32.27
CA LYS C 280 17.31 -20.35 -31.75
C LYS C 280 16.88 -21.71 -32.19
N ALA C 281 15.55 -21.96 -32.17
CA ALA C 281 15.07 -23.24 -32.56
C ALA C 281 15.49 -23.44 -33.98
N TYR C 282 15.36 -22.38 -34.79
CA TYR C 282 15.64 -22.50 -36.19
C TYR C 282 17.08 -22.85 -36.36
N HIS C 283 17.96 -22.19 -35.59
CA HIS C 283 19.35 -22.12 -35.98
C HIS C 283 19.94 -23.49 -36.06
N GLU C 284 19.78 -24.31 -35.01
CA GLU C 284 20.52 -25.55 -35.03
C GLU C 284 19.59 -26.67 -34.74
N GLN C 285 20.00 -27.88 -35.16
CA GLN C 285 19.39 -29.05 -34.62
C GLN C 285 20.16 -29.34 -33.38
N LEU C 286 19.45 -29.46 -32.24
CA LEU C 286 20.15 -29.59 -31.01
C LEU C 286 20.73 -30.96 -30.97
N SER C 287 21.88 -31.09 -30.29
CA SER C 287 22.43 -32.39 -30.07
C SER C 287 22.44 -32.54 -28.59
N VAL C 288 22.72 -33.76 -28.11
CA VAL C 288 22.71 -33.95 -26.69
C VAL C 288 23.72 -33.02 -26.13
N ALA C 289 24.93 -33.02 -26.72
CA ALA C 289 25.94 -32.15 -26.21
C ALA C 289 25.47 -30.75 -26.41
N GLU C 290 24.90 -30.46 -27.59
CA GLU C 290 24.63 -29.09 -27.92
C GLU C 290 23.68 -28.55 -26.92
N ILE C 291 22.62 -29.33 -26.63
CA ILE C 291 21.60 -28.82 -25.77
C ILE C 291 22.22 -28.60 -24.44
N THR C 292 22.98 -29.59 -23.97
CA THR C 292 23.51 -29.50 -22.63
C THR C 292 24.39 -28.31 -22.57
N ASN C 293 25.28 -28.18 -23.58
CA ASN C 293 26.24 -27.13 -23.55
C ASN C 293 25.47 -25.85 -23.57
N ALA C 294 24.45 -25.78 -24.43
CA ALA C 294 23.71 -24.56 -24.56
C ALA C 294 23.13 -24.28 -23.23
N CYS C 295 22.62 -25.33 -22.57
CA CYS C 295 21.91 -25.16 -21.33
C CYS C 295 22.87 -24.56 -20.36
N PHE C 296 24.13 -25.04 -20.38
CA PHE C 296 25.06 -24.62 -19.39
C PHE C 296 25.23 -23.14 -19.51
N GLU C 297 25.36 -22.64 -20.76
CA GLU C 297 25.65 -21.26 -20.92
C GLU C 297 24.53 -20.47 -20.33
N PRO C 298 24.91 -19.41 -19.70
CA PRO C 298 24.01 -18.60 -18.94
C PRO C 298 23.00 -18.03 -19.88
N ALA C 299 23.32 -17.98 -21.18
CA ALA C 299 22.39 -17.47 -22.13
C ALA C 299 21.20 -18.35 -22.07
N ASN C 300 21.45 -19.66 -21.97
CA ASN C 300 20.38 -20.60 -21.84
C ASN C 300 19.68 -20.30 -20.57
N GLN C 301 20.46 -19.98 -19.52
CA GLN C 301 19.86 -19.84 -18.23
C GLN C 301 18.87 -18.75 -18.31
N MET C 302 17.61 -19.06 -17.96
CA MET C 302 16.57 -18.08 -17.96
C MET C 302 16.94 -17.06 -16.93
N VAL C 303 17.41 -17.55 -15.77
CA VAL C 303 17.85 -16.66 -14.74
C VAL C 303 19.20 -16.18 -15.14
N LYS C 304 19.53 -14.93 -14.75
CA LYS C 304 20.85 -14.47 -15.02
C LYS C 304 21.67 -14.92 -13.87
N CYS C 305 22.69 -15.76 -14.13
CA CYS C 305 23.50 -16.23 -13.05
C CYS C 305 24.81 -16.63 -13.64
N ASP C 306 25.85 -16.74 -12.78
CA ASP C 306 27.08 -17.31 -13.24
C ASP C 306 27.11 -18.70 -12.73
N PRO C 307 26.85 -19.62 -13.60
CA PRO C 307 26.72 -21.00 -13.25
C PRO C 307 28.04 -21.41 -12.67
N ARG C 308 29.11 -20.73 -13.10
CA ARG C 308 30.42 -21.03 -12.61
C ARG C 308 30.43 -20.74 -11.16
N HIS C 309 29.83 -19.58 -10.79
CA HIS C 309 29.92 -19.12 -9.44
C HIS C 309 29.27 -20.14 -8.57
N GLY C 310 28.07 -20.60 -8.95
CA GLY C 310 27.44 -21.60 -8.16
C GLY C 310 28.14 -22.88 -8.45
N LYS C 311 28.03 -23.84 -7.51
CA LYS C 311 28.54 -25.15 -7.76
C LYS C 311 27.39 -25.93 -8.29
N TYR C 312 27.66 -27.10 -8.88
CA TYR C 312 26.54 -27.93 -9.21
C TYR C 312 26.58 -29.08 -8.28
N MET C 313 25.68 -29.07 -7.28
CA MET C 313 25.62 -30.21 -6.40
C MET C 313 25.22 -31.36 -7.26
N ALA C 314 24.19 -31.15 -8.09
CA ALA C 314 23.80 -32.14 -9.05
C ALA C 314 22.91 -31.46 -10.03
N CYS C 315 22.73 -32.07 -11.21
CA CYS C 315 21.81 -31.50 -12.14
C CYS C 315 20.94 -32.62 -12.63
N CYS C 316 19.75 -32.26 -13.13
CA CYS C 316 18.88 -33.25 -13.67
C CYS C 316 18.81 -32.97 -15.14
N LEU C 317 18.50 -34.01 -15.93
CA LEU C 317 18.26 -33.75 -17.31
C LEU C 317 16.93 -34.30 -17.64
N LEU C 318 16.15 -33.55 -18.44
CA LEU C 318 14.97 -34.10 -19.00
C LEU C 318 15.27 -34.30 -20.44
N TYR C 319 14.65 -35.29 -21.08
CA TYR C 319 14.94 -35.48 -22.46
C TYR C 319 13.65 -35.47 -23.20
N ARG C 320 13.69 -34.99 -24.45
CA ARG C 320 12.49 -34.96 -25.23
C ARG C 320 12.87 -35.36 -26.62
N GLY C 321 11.87 -35.81 -27.40
CA GLY C 321 12.16 -36.23 -28.73
C GLY C 321 12.88 -37.53 -28.58
N ASP C 322 13.46 -38.03 -29.69
CA ASP C 322 14.21 -39.25 -29.60
C ASP C 322 15.46 -38.93 -28.87
N VAL C 323 15.98 -39.90 -28.11
CA VAL C 323 17.27 -39.72 -27.51
C VAL C 323 17.86 -41.09 -27.39
N VAL C 324 19.21 -41.19 -27.39
CA VAL C 324 19.78 -42.45 -27.03
C VAL C 324 20.78 -42.18 -25.97
N PRO C 325 20.80 -43.05 -25.02
CA PRO C 325 21.52 -42.84 -23.80
C PRO C 325 22.96 -42.71 -24.15
N LYS C 326 23.37 -43.29 -25.29
CA LYS C 326 24.73 -43.23 -25.71
C LYS C 326 25.04 -41.79 -25.90
N ASP C 327 24.13 -41.07 -26.57
CA ASP C 327 24.36 -39.68 -26.83
C ASP C 327 24.46 -39.03 -25.50
N VAL C 328 23.59 -39.47 -24.58
CA VAL C 328 23.56 -38.87 -23.29
C VAL C 328 24.91 -39.04 -22.70
N ASN C 329 25.47 -40.25 -22.82
CA ASN C 329 26.74 -40.54 -22.23
C ASN C 329 27.74 -39.62 -22.85
N ALA C 330 27.63 -39.44 -24.18
CA ALA C 330 28.60 -38.64 -24.86
C ALA C 330 28.52 -37.29 -24.26
N ALA C 331 27.29 -36.81 -24.03
CA ALA C 331 27.13 -35.53 -23.43
C ALA C 331 27.78 -35.60 -22.09
N ILE C 332 27.58 -36.73 -21.40
CA ILE C 332 28.01 -36.86 -20.05
C ILE C 332 29.50 -36.69 -20.03
N ALA C 333 30.18 -37.36 -20.97
CA ALA C 333 31.61 -37.29 -20.96
C ALA C 333 31.96 -35.85 -21.16
N THR C 334 31.25 -35.20 -22.10
CA THR C 334 31.59 -33.86 -22.46
C THR C 334 31.44 -33.03 -21.23
N ILE C 335 30.31 -33.18 -20.54
CA ILE C 335 30.05 -32.34 -19.42
C ILE C 335 31.07 -32.64 -18.37
N LYS C 336 31.26 -33.94 -18.09
CA LYS C 336 32.07 -34.32 -16.99
C LYS C 336 33.46 -33.84 -17.25
N THR C 337 33.95 -34.06 -18.48
CA THR C 337 35.30 -33.70 -18.76
C THR C 337 35.39 -32.22 -18.61
N LYS C 338 34.37 -31.50 -19.08
CA LYS C 338 34.44 -30.08 -19.03
C LYS C 338 34.58 -29.69 -17.60
N ARG C 339 35.58 -28.84 -17.33
CA ARG C 339 35.81 -28.35 -16.00
C ARG C 339 34.66 -27.48 -15.64
N SER C 340 34.18 -26.68 -16.63
CA SER C 340 33.52 -25.44 -16.39
C SER C 340 32.38 -25.68 -15.46
N ILE C 341 31.54 -26.69 -15.74
CA ILE C 341 30.53 -26.98 -14.77
C ILE C 341 31.24 -27.58 -13.61
N GLN C 342 31.01 -27.03 -12.41
CA GLN C 342 31.69 -27.55 -11.26
C GLN C 342 30.75 -28.49 -10.59
N PHE C 343 31.28 -29.61 -10.10
CA PHE C 343 30.44 -30.54 -9.40
C PHE C 343 30.75 -30.36 -7.97
N VAL C 344 29.71 -30.47 -7.11
CA VAL C 344 29.99 -30.39 -5.71
C VAL C 344 30.64 -31.67 -5.35
N ASP C 345 31.53 -31.62 -4.35
CA ASP C 345 32.23 -32.81 -3.95
C ASP C 345 31.18 -33.75 -3.47
N TRP C 346 30.11 -33.20 -2.87
CA TRP C 346 29.15 -34.01 -2.19
C TRP C 346 28.61 -35.00 -3.16
N CYS C 347 28.14 -34.53 -4.34
CA CYS C 347 27.57 -35.48 -5.24
C CYS C 347 28.54 -35.72 -6.34
N PRO C 348 29.10 -36.88 -6.29
CA PRO C 348 30.01 -37.37 -7.29
C PRO C 348 29.29 -37.56 -8.58
N THR C 349 27.95 -37.69 -8.54
CA THR C 349 27.29 -38.19 -9.71
C THR C 349 26.40 -37.13 -10.28
N GLY C 350 26.41 -37.04 -11.62
CA GLY C 350 25.52 -36.19 -12.35
C GLY C 350 24.13 -36.71 -12.15
N PHE C 351 24.00 -38.05 -12.09
CA PHE C 351 22.73 -38.71 -12.22
C PHE C 351 21.78 -38.13 -11.24
N LYS C 352 20.47 -38.20 -11.57
CA LYS C 352 20.11 -38.92 -12.75
C LYS C 352 19.37 -38.00 -13.65
N VAL C 353 19.16 -38.43 -14.90
CA VAL C 353 18.40 -37.65 -15.83
C VAL C 353 17.41 -38.57 -16.45
N GLY C 354 16.37 -38.01 -17.10
CA GLY C 354 15.37 -38.85 -17.69
C GLY C 354 15.22 -38.43 -19.11
N ILE C 355 14.61 -39.33 -19.93
CA ILE C 355 14.44 -39.04 -21.32
C ILE C 355 13.00 -39.21 -21.62
N ASN C 356 12.50 -38.45 -22.61
CA ASN C 356 11.13 -38.63 -22.97
C ASN C 356 11.08 -39.14 -24.37
N TYR C 357 10.15 -40.08 -24.63
CA TYR C 357 10.01 -40.60 -25.96
C TYR C 357 9.55 -39.47 -26.81
N GLN C 358 8.54 -38.75 -26.34
CA GLN C 358 7.87 -37.81 -27.20
C GLN C 358 8.76 -36.61 -27.32
N PRO C 359 8.69 -36.02 -28.48
CA PRO C 359 9.46 -34.85 -28.78
C PRO C 359 8.94 -33.78 -27.88
N PRO C 360 9.68 -32.74 -27.68
CA PRO C 360 9.40 -31.82 -26.63
C PRO C 360 8.06 -31.24 -26.85
N THR C 361 7.35 -30.86 -25.77
CA THR C 361 6.05 -30.26 -25.93
C THR C 361 6.28 -28.85 -26.32
N VAL C 362 5.28 -28.24 -26.98
CA VAL C 362 5.43 -26.88 -27.38
C VAL C 362 4.18 -26.15 -27.00
N VAL C 363 4.30 -24.84 -26.74
CA VAL C 363 3.13 -24.06 -26.49
C VAL C 363 2.54 -23.71 -27.82
N PRO C 364 1.24 -23.63 -27.85
CA PRO C 364 0.54 -23.49 -29.08
C PRO C 364 0.92 -22.18 -29.70
N GLY C 365 1.01 -22.11 -31.04
CA GLY C 365 1.38 -20.88 -31.65
C GLY C 365 2.74 -20.56 -31.13
N GLY C 366 3.52 -21.62 -30.85
CA GLY C 366 4.77 -21.42 -30.19
C GLY C 366 5.60 -20.56 -31.06
N ASP C 367 6.22 -19.53 -30.44
CA ASP C 367 7.04 -18.62 -31.19
C ASP C 367 8.21 -19.39 -31.70
N LEU C 368 8.79 -20.25 -30.84
CA LEU C 368 10.03 -20.90 -31.18
C LEU C 368 9.74 -22.13 -31.96
N ALA C 369 10.72 -22.53 -32.79
CA ALA C 369 10.59 -23.74 -33.56
C ALA C 369 10.82 -24.89 -32.62
N LYS C 370 10.36 -26.09 -33.02
CA LYS C 370 10.47 -27.23 -32.17
C LYS C 370 11.91 -27.64 -32.11
N VAL C 371 12.32 -28.21 -30.96
CA VAL C 371 13.65 -28.74 -30.84
C VAL C 371 13.49 -30.22 -30.69
N GLN C 372 14.49 -30.98 -31.15
CA GLN C 372 14.34 -32.40 -31.16
C GLN C 372 14.19 -32.85 -29.74
N ARG C 373 15.02 -32.29 -28.84
CA ARG C 373 14.98 -32.75 -27.49
C ARG C 373 14.74 -31.57 -26.62
N ALA C 374 14.07 -31.79 -25.47
CA ALA C 374 13.99 -30.74 -24.51
C ALA C 374 14.58 -31.29 -23.25
N VAL C 375 15.23 -30.41 -22.47
CA VAL C 375 15.88 -30.88 -21.29
C VAL C 375 15.62 -29.87 -20.22
N CYS C 376 15.63 -30.34 -18.95
CA CYS C 376 15.59 -29.40 -17.87
C CYS C 376 16.60 -29.84 -16.86
N MET C 377 17.20 -28.87 -16.15
CA MET C 377 18.23 -29.25 -15.24
C MET C 377 17.99 -28.53 -13.96
N LEU C 378 18.45 -29.13 -12.85
CA LEU C 378 18.39 -28.45 -11.60
C LEU C 378 19.79 -28.27 -11.12
N SER C 379 20.11 -27.06 -10.61
CA SER C 379 21.40 -26.84 -10.04
C SER C 379 21.18 -26.06 -8.79
N ASN C 380 22.11 -26.20 -7.83
CA ASN C 380 21.98 -25.40 -6.65
C ASN C 380 23.21 -24.56 -6.56
N THR C 381 23.04 -23.23 -6.48
CA THR C 381 24.20 -22.41 -6.39
C THR C 381 23.96 -21.41 -5.32
N THR C 382 25.06 -20.83 -4.80
CA THR C 382 24.97 -19.74 -3.88
C THR C 382 24.40 -18.58 -4.64
N ALA C 383 24.81 -18.46 -5.92
CA ALA C 383 24.56 -17.28 -6.69
C ALA C 383 23.08 -17.07 -6.75
N ILE C 384 22.32 -18.18 -6.90
CA ILE C 384 20.90 -18.05 -7.06
C ILE C 384 20.40 -17.37 -5.82
N ALA C 385 20.95 -17.73 -4.66
CA ALA C 385 20.55 -17.13 -3.43
C ALA C 385 20.82 -15.67 -3.56
N GLU C 386 21.95 -15.34 -4.20
CA GLU C 386 22.42 -13.99 -4.24
C GLU C 386 21.36 -13.16 -4.89
N ALA C 387 20.71 -13.72 -5.93
CA ALA C 387 19.76 -12.94 -6.68
C ALA C 387 18.71 -12.50 -5.72
N TRP C 388 18.30 -13.42 -4.83
CA TRP C 388 17.29 -13.10 -3.87
C TRP C 388 17.80 -11.95 -3.07
N ALA C 389 19.08 -12.04 -2.68
CA ALA C 389 19.65 -11.04 -1.84
C ALA C 389 19.56 -9.75 -2.60
N ARG C 390 19.80 -9.81 -3.91
CA ARG C 390 19.91 -8.63 -4.71
C ARG C 390 18.63 -7.87 -4.56
N LEU C 391 17.50 -8.58 -4.69
CA LEU C 391 16.22 -7.95 -4.53
C LEU C 391 16.14 -7.48 -3.12
N ASP C 392 16.68 -8.28 -2.18
CA ASP C 392 16.45 -8.06 -0.78
C ASP C 392 16.93 -6.69 -0.44
N HIS C 393 18.08 -6.30 -0.99
CA HIS C 393 18.73 -5.11 -0.53
C HIS C 393 17.80 -3.96 -0.73
N LYS C 394 17.16 -3.90 -1.91
CA LYS C 394 16.31 -2.77 -2.19
C LYS C 394 15.24 -2.76 -1.15
N PHE C 395 14.71 -3.96 -0.84
CA PHE C 395 13.66 -4.05 0.11
C PHE C 395 14.21 -3.52 1.39
N ASP C 396 15.46 -3.91 1.69
CA ASP C 396 16.08 -3.52 2.92
C ASP C 396 16.11 -2.04 2.96
N LEU C 397 16.42 -1.42 1.81
CA LEU C 397 16.51 0.01 1.79
C LEU C 397 15.16 0.52 2.17
N MET C 398 14.11 -0.12 1.63
CA MET C 398 12.79 0.34 1.87
C MET C 398 12.55 0.27 3.34
N TYR C 399 13.00 -0.85 3.95
CA TYR C 399 12.80 -1.01 5.37
C TYR C 399 13.52 0.09 6.04
N ALA C 400 14.73 0.39 5.54
CA ALA C 400 15.51 1.41 6.17
C ALA C 400 14.70 2.67 6.08
N LYS C 401 14.06 2.88 4.93
CA LYS C 401 13.24 4.04 4.79
C LYS C 401 12.17 3.93 5.83
N ARG C 402 11.67 2.71 6.04
CA ARG C 402 10.60 2.52 6.97
C ARG C 402 9.43 3.26 6.43
N ALA C 403 9.43 3.44 5.10
CA ALA C 403 8.31 4.07 4.47
C ALA C 403 7.21 3.08 4.40
N PHE C 404 6.04 2.92 3.82
CA PHE C 404 5.36 1.53 3.49
C PHE C 404 5.22 0.46 4.64
N VAL C 405 5.46 0.89 5.88
CA VAL C 405 4.85 0.53 7.19
C VAL C 405 3.33 0.77 7.60
N HIS C 406 2.67 1.89 8.07
CA HIS C 406 1.19 2.10 8.07
C HIS C 406 0.37 1.52 6.95
N TRP C 407 0.78 1.33 5.71
CA TRP C 407 -0.12 0.54 4.93
C TRP C 407 -0.13 -0.83 5.52
N TYR C 408 1.07 -1.38 5.75
CA TYR C 408 1.19 -2.68 6.32
C TYR C 408 0.62 -2.62 7.69
N VAL C 409 0.58 -1.56 8.30
CA VAL C 409 0.14 -1.75 9.65
C VAL C 409 -1.32 -1.75 9.64
N GLY C 410 -1.79 -0.98 8.68
CA GLY C 410 -3.21 -1.13 8.61
C GLY C 410 -3.47 -2.60 8.59
N GLU C 411 -2.73 -3.34 7.82
CA GLU C 411 -2.85 -4.78 7.88
C GLU C 411 -2.26 -5.40 9.09
N GLY C 412 -1.62 -4.61 9.94
CA GLY C 412 -1.29 -5.07 11.25
C GLY C 412 -0.04 -5.86 11.14
N MET C 413 0.54 -5.88 9.92
CA MET C 413 1.78 -6.56 9.73
C MET C 413 2.81 -5.79 10.48
N GLU C 414 3.86 -6.46 10.91
CA GLU C 414 4.87 -5.79 11.66
C GLU C 414 6.02 -5.40 10.78
N GLU C 415 6.98 -4.72 11.36
CA GLU C 415 8.28 -4.57 10.78
C GLU C 415 9.00 -5.84 11.07
N GLY C 416 8.76 -6.37 12.27
CA GLY C 416 9.54 -7.47 12.76
C GLY C 416 9.40 -8.59 11.80
N GLU C 417 8.18 -8.80 11.27
CA GLU C 417 8.00 -9.90 10.38
C GLU C 417 8.90 -9.65 9.20
N PHE C 418 8.93 -8.40 8.72
CA PHE C 418 9.73 -8.08 7.58
C PHE C 418 11.15 -8.37 7.94
N SER C 419 11.55 -7.94 9.15
CA SER C 419 12.90 -8.09 9.58
C SER C 419 13.17 -9.56 9.55
N GLU C 420 12.15 -10.34 9.92
CA GLU C 420 12.26 -11.76 9.95
C GLU C 420 12.49 -12.21 8.55
N ALA C 421 11.81 -11.58 7.59
CA ALA C 421 12.03 -12.00 6.23
C ALA C 421 13.47 -11.75 5.91
N ARG C 422 13.98 -10.58 6.30
CA ARG C 422 15.33 -10.22 5.94
C ARG C 422 16.24 -11.20 6.60
N GLU C 423 16.15 -11.36 7.92
CA GLU C 423 16.95 -12.29 8.73
C GLU C 423 16.82 -13.70 8.21
N ASP C 424 15.64 -14.08 7.75
CA ASP C 424 15.44 -15.40 7.24
C ASP C 424 16.19 -15.44 5.96
N MET C 425 16.13 -14.34 5.19
CA MET C 425 16.83 -14.32 3.95
C MET C 425 18.27 -14.50 4.26
N ALA C 426 18.76 -13.77 5.29
CA ALA C 426 20.17 -13.82 5.56
C ALA C 426 20.51 -15.22 5.93
N ALA C 427 19.67 -15.84 6.79
CA ALA C 427 19.63 -17.26 7.18
C ALA C 427 19.92 -18.09 6.07
N LEU C 428 19.00 -17.84 5.21
CA LEU C 428 18.80 -18.69 4.08
C LEU C 428 20.01 -18.56 3.23
N GLU C 429 20.51 -17.32 3.07
CA GLU C 429 21.66 -17.13 2.25
C GLU C 429 22.75 -17.91 2.86
N LYS C 430 22.86 -17.85 4.20
CA LYS C 430 23.93 -18.51 4.86
C LYS C 430 23.80 -19.97 4.56
N ASP C 431 22.57 -20.48 4.65
CA ASP C 431 22.35 -21.88 4.44
C ASP C 431 22.76 -22.18 3.03
N TYR C 432 22.35 -21.31 2.10
CA TYR C 432 22.62 -21.56 0.71
C TYR C 432 24.09 -21.58 0.54
N GLU C 433 24.79 -20.67 1.22
CA GLU C 433 26.21 -20.67 1.08
C GLU C 433 26.71 -21.97 1.61
N GLU C 434 26.20 -22.38 2.79
CA GLU C 434 26.77 -23.51 3.44
C GLU C 434 26.62 -24.69 2.54
N VAL C 435 25.40 -24.89 2.01
CA VAL C 435 25.16 -26.01 1.15
C VAL C 435 25.99 -25.82 -0.07
N GLY C 436 26.07 -24.56 -0.54
CA GLY C 436 26.65 -24.28 -1.82
C GLY C 436 28.07 -24.72 -1.78
N VAL C 437 28.76 -24.49 -0.64
CA VAL C 437 30.14 -24.85 -0.60
C VAL C 437 30.20 -26.32 -0.81
N ASP C 438 31.21 -26.78 -1.56
CA ASP C 438 31.32 -28.18 -1.82
C ASP C 438 31.95 -28.82 -0.59
C1 MZK D . 4.10 -0.44 19.93
C2 MZK D . 3.40 -0.63 21.24
C3 MZK D . 3.57 -1.04 18.78
C4 MZK D . 2.71 -1.98 21.31
C5 MZK D . 5.21 0.40 19.82
C9 MZK D . 6.96 1.48 18.46
C10 MZK D . 5.25 0.03 17.43
C8 MZK D . 4.13 -0.79 17.53
C7 MZK D . 1.88 -2.29 20.08
C6 MZK D . 5.80 0.62 18.57
O1 MZK D . 0.85 -2.94 20.14
N1 MZK D . 2.43 -1.86 18.88
C12 MZK D . 7.45 2.14 19.58
C13 MZK D . 9.19 3.13 18.22
C14 MZK D . 8.69 2.47 17.10
C15 MZK D . 8.56 2.96 19.47
C16 MZK D . 10.38 4.02 18.11
C11 MZK D . 7.58 1.65 17.21
F1 MZK D . 10.77 4.24 16.82
F2 MZK D . 10.20 5.25 18.65
F3 MZK D . 11.49 3.51 18.74
PG G2P E . -18.02 33.24 -6.89
O1G G2P E . -16.86 34.14 -6.82
O2G G2P E . -18.78 33.34 -8.23
O3G G2P E . -19.02 33.40 -5.76
O3B G2P E . -17.52 31.72 -6.81
PB G2P E . -17.24 30.68 -7.94
O1B G2P E . -18.54 30.08 -8.40
O2B G2P E . -16.38 29.54 -7.31
C3A G2P E . -16.18 31.51 -9.13
PA G2P E . -15.03 30.45 -10.02
O1A G2P E . -15.06 30.46 -11.52
O2A G2P E . -15.34 29.01 -9.55
O5' G2P E . -13.62 30.85 -9.43
C5' G2P E . -12.85 31.92 -9.99
C4' G2P E . -11.42 31.46 -10.18
O4' G2P E . -11.38 30.44 -11.21
C3' G2P E . -10.45 32.54 -10.65
O3' G2P E . -9.14 32.25 -10.19
C2' G2P E . -10.57 32.44 -12.17
O2' G2P E . -9.39 32.89 -12.82
C1' G2P E . -10.74 30.93 -12.37
N9 G2P E . -11.56 30.59 -13.53
C8 G2P E . -12.85 30.98 -13.77
N7 G2P E . -13.38 30.40 -14.82
C5 G2P E . -12.38 29.59 -15.30
C6 G2P E . -12.36 28.68 -16.39
O6 G2P E . -13.29 28.41 -17.15
N1 G2P E . -11.15 28.04 -16.52
C2 G2P E . -10.06 28.23 -15.71
N2 G2P E . -8.96 27.53 -15.99
N3 G2P E . -10.07 29.07 -14.67
C4 G2P E . -11.25 29.70 -14.53
MG MG F . -18.60 31.75 -9.71
PG G2P G . -2.70 -6.36 -7.97
O1G G2P G . -2.82 -6.19 -9.44
O2G G2P G . -4.03 -6.27 -7.24
O3G G2P G . -1.72 -5.40 -7.34
O3B G2P G . -2.15 -7.82 -7.67
PB G2P G . -1.86 -8.99 -8.69
O1B G2P G . -1.19 -10.13 -7.94
O2B G2P G . -3.13 -9.44 -9.30
C3A G2P G . -0.87 -8.42 -9.78
PA G2P G . 0.02 -9.12 -10.90
O1A G2P G . -0.34 -10.60 -10.87
O2A G2P G . -0.31 -8.56 -12.23
O5' G2P G . 1.57 -9.00 -10.56
C5' G2P G . 2.46 -8.05 -11.18
C4' G2P G . 3.76 -8.72 -11.50
O4' G2P G . 3.59 -9.64 -12.59
C3' G2P G . 4.90 -7.77 -11.92
O3' G2P G . 6.14 -8.17 -11.35
C2' G2P G . 4.91 -7.90 -13.45
O2' G2P G . 6.20 -7.66 -13.98
C1' G2P G . 4.54 -9.37 -13.60
N9 G2P G . 3.94 -9.68 -14.91
C8 G2P G . 3.20 -8.85 -15.69
N7 G2P G . 2.80 -9.42 -16.81
C5 G2P G . 3.31 -10.70 -16.74
C6 G2P G . 3.21 -11.79 -17.65
O6 G2P G . 2.62 -11.81 -18.72
N1 G2P G . 3.88 -12.91 -17.20
C2 G2P G . 4.57 -12.99 -16.02
N2 G2P G . 5.16 -14.16 -15.74
N3 G2P G . 4.65 -11.98 -15.16
C4 G2P G . 4.02 -10.88 -15.57
MG MG H . -3.19 -7.87 -10.68
#